data_3BWG
#
_entry.id   3BWG
#
_cell.length_a   101.994
_cell.length_b   58.284
_cell.length_c   138.823
_cell.angle_alpha   90.00
_cell.angle_beta   110.08
_cell.angle_gamma   90.00
#
_symmetry.space_group_name_H-M   'C 1 2 1'
#
loop_
_entity.id
_entity.type
_entity.pdbx_description
1 polymer 'Uncharacterized HTH-type transcriptional regulator yydK'
2 non-polymer 1,2-ETHANEDIOL
3 water water
#
_entity_poly.entity_id   1
_entity_poly.type   'polypeptide(L)'
_entity_poly.pdbx_seq_one_letter_code
;SNA(MSE)LKYQQIATEIETYIEEHQLQQGDKLPVLETL(MSE)AQFEVSKSTITKSLELLEQKGAIFQVRGSGIFVRKH
KRKGYISLLSNQGFKKDLEDFNVTSKVIELDVRKPTPEAAENLNIG(MSE)DEDIYYVKRVRYINGQTLCYEESYYTKSI
VTYLNNEIVSHSIFHYIREGLGLKIGFSDLFLHVGQLNEEEAEYLGLEAGLPKLYIESIFHLTNGQPFDYSKISYNYEQS
QFVVQANSFLL
;
_entity_poly.pdbx_strand_id   A,B,C
#
loop_
_chem_comp.id
_chem_comp.type
_chem_comp.name
_chem_comp.formula
EDO non-polymer 1,2-ETHANEDIOL 'C2 H6 O2'
#
# COMPACT_ATOMS: atom_id res chain seq x y z
N GLN A 8 -29.29 -11.70 -10.13
CA GLN A 8 -28.50 -10.44 -10.27
C GLN A 8 -29.31 -9.23 -10.77
N GLN A 9 -30.11 -9.44 -11.81
CA GLN A 9 -31.11 -8.43 -12.22
C GLN A 9 -32.36 -8.50 -11.32
N ILE A 10 -32.53 -9.61 -10.62
CA ILE A 10 -33.58 -9.73 -9.60
C ILE A 10 -33.25 -8.82 -8.40
N ALA A 11 -31.99 -8.85 -7.97
CA ALA A 11 -31.47 -7.97 -6.91
C ALA A 11 -31.80 -6.49 -7.17
N THR A 12 -31.69 -6.10 -8.44
CA THR A 12 -32.03 -4.76 -8.93
C THR A 12 -33.54 -4.45 -8.82
N GLU A 13 -34.38 -5.38 -9.27
CA GLU A 13 -35.83 -5.24 -9.07
C GLU A 13 -36.19 -5.15 -7.58
N ILE A 14 -35.67 -6.06 -6.76
CA ILE A 14 -35.84 -5.99 -5.29
C ILE A 14 -35.44 -4.61 -4.75
N GLU A 15 -34.22 -4.15 -5.11
CA GLU A 15 -33.74 -2.83 -4.72
C GLU A 15 -34.67 -1.70 -5.19
N THR A 16 -35.18 -1.81 -6.43
CA THR A 16 -36.18 -0.86 -6.96
C THR A 16 -37.45 -0.89 -6.12
N TYR A 17 -37.98 -2.10 -5.90
CA TYR A 17 -39.11 -2.35 -4.98
C TYR A 17 -38.90 -1.70 -3.60
N ILE A 18 -37.68 -1.83 -3.07
CA ILE A 18 -37.34 -1.19 -1.80
C ILE A 18 -37.47 0.34 -1.91
N GLU A 19 -36.94 0.92 -2.99
CA GLU A 19 -37.04 2.38 -3.25
C GLU A 19 -38.48 2.81 -3.55
N GLU A 20 -39.18 1.93 -4.29
CA GLU A 20 -40.54 2.17 -4.74
C GLU A 20 -41.45 2.34 -3.53
N HIS A 21 -41.17 1.56 -2.49
CA HIS A 21 -41.99 1.53 -1.28
C HIS A 21 -41.41 2.38 -0.15
N GLN A 22 -40.35 3.13 -0.46
CA GLN A 22 -39.66 3.98 0.51
C GLN A 22 -39.48 3.20 1.82
N LEU A 23 -39.04 1.94 1.73
CA LEU A 23 -38.82 1.14 2.93
C LEU A 23 -37.62 1.69 3.73
N GLN A 24 -37.64 1.47 5.03
CA GLN A 24 -36.63 2.00 5.92
C GLN A 24 -35.77 0.86 6.45
N GLN A 25 -34.59 1.18 7.01
CA GLN A 25 -33.81 0.17 7.71
C GLN A 25 -34.67 -0.64 8.68
N GLY A 26 -34.51 -1.96 8.67
CA GLY A 26 -35.17 -2.81 9.64
C GLY A 26 -36.57 -3.25 9.25
N ASP A 27 -37.17 -2.57 8.30
CA ASP A 27 -38.48 -3.09 7.97
C ASP A 27 -38.39 -4.35 7.06
N LYS A 28 -39.32 -5.26 7.29
CA LYS A 28 -39.20 -6.65 6.85
C LYS A 28 -39.70 -6.84 5.41
N LEU A 29 -38.88 -7.52 4.60
CA LEU A 29 -39.26 -7.89 3.23
C LEU A 29 -40.26 -9.06 3.25
N PRO A 30 -41.06 -9.20 2.17
CA PRO A 30 -41.94 -10.39 2.15
C PRO A 30 -41.12 -11.65 2.34
N VAL A 31 -41.73 -12.67 2.90
CA VAL A 31 -41.11 -13.95 3.15
C VAL A 31 -40.52 -14.55 1.85
N LEU A 32 -39.47 -15.34 2.02
CA LEU A 32 -38.88 -16.17 0.96
C LEU A 32 -39.78 -16.67 -0.19
N GLU A 33 -40.88 -17.38 0.12
CA GLU A 33 -41.75 -17.90 -0.92
C GLU A 33 -42.54 -16.84 -1.68
N THR A 34 -42.86 -15.73 -1.01
CA THR A 34 -43.54 -14.62 -1.69
C THR A 34 -42.61 -13.97 -2.75
N LEU A 35 -41.32 -13.87 -2.44
CA LEU A 35 -40.31 -13.34 -3.35
C LEU A 35 -40.04 -14.26 -4.56
N MSE A 36 -40.05 -15.57 -4.37
CA MSE A 36 -39.85 -16.49 -5.49
C MSE A 36 -40.98 -16.41 -6.52
O MSE A 36 -40.77 -16.71 -7.69
CB MSE A 36 -39.76 -17.93 -5.01
CG MSE A 36 -38.75 -18.21 -3.95
SE MSE A 36 -39.09 -20.00 -3.27
CE MSE A 36 -38.37 -19.75 -1.51
N ALA A 37 -42.18 -16.02 -6.07
CA ALA A 37 -43.34 -15.84 -6.96
C ALA A 37 -43.51 -14.37 -7.38
N GLN A 38 -43.12 -13.45 -6.52
CA GLN A 38 -43.08 -12.01 -6.82
C GLN A 38 -42.12 -11.66 -7.97
N PHE A 39 -41.12 -12.52 -8.20
CA PHE A 39 -40.11 -12.30 -9.27
C PHE A 39 -40.01 -13.47 -10.25
N GLU A 40 -40.82 -14.50 -10.00
CA GLU A 40 -40.96 -15.69 -10.85
C GLU A 40 -39.66 -16.49 -11.01
N VAL A 41 -39.07 -16.87 -9.86
CA VAL A 41 -37.83 -17.65 -9.88
C VAL A 41 -37.70 -18.72 -8.77
N SER A 42 -36.74 -19.63 -8.94
CA SER A 42 -36.44 -20.73 -8.02
C SER A 42 -36.04 -20.26 -6.61
N LYS A 43 -35.96 -21.19 -5.65
CA LYS A 43 -35.50 -20.89 -4.28
C LYS A 43 -34.00 -20.58 -4.21
N SER A 44 -33.17 -21.58 -4.50
CA SER A 44 -31.72 -21.41 -4.44
C SER A 44 -31.24 -20.22 -5.29
N THR A 45 -32.04 -19.85 -6.29
CA THR A 45 -31.78 -18.66 -7.11
C THR A 45 -31.97 -17.39 -6.31
N ILE A 46 -33.12 -17.27 -5.67
CA ILE A 46 -33.46 -16.08 -4.92
C ILE A 46 -32.54 -15.90 -3.70
N THR A 47 -32.08 -17.00 -3.09
CA THR A 47 -31.21 -16.89 -1.92
C THR A 47 -29.84 -16.34 -2.33
N LYS A 48 -29.38 -16.76 -3.51
CA LYS A 48 -28.16 -16.23 -4.15
C LYS A 48 -28.32 -14.73 -4.47
N SER A 49 -29.52 -14.35 -4.92
CA SER A 49 -29.89 -12.96 -5.22
C SER A 49 -29.89 -12.11 -3.93
N LEU A 50 -30.18 -12.78 -2.81
CA LEU A 50 -30.15 -12.21 -1.47
C LEU A 50 -28.73 -12.15 -0.87
N GLU A 51 -27.92 -13.17 -1.16
CA GLU A 51 -26.50 -13.22 -0.76
C GLU A 51 -25.75 -12.01 -1.28
N LEU A 52 -26.06 -11.64 -2.52
CA LEU A 52 -25.49 -10.45 -3.17
C LEU A 52 -25.94 -9.19 -2.47
N LEU A 53 -27.25 -9.03 -2.29
CA LEU A 53 -27.77 -7.83 -1.67
C LEU A 53 -27.21 -7.58 -0.27
N GLU A 54 -26.94 -8.67 0.46
CA GLU A 54 -26.38 -8.59 1.79
C GLU A 54 -24.90 -8.17 1.73
N GLN A 55 -24.09 -8.86 0.91
CA GLN A 55 -22.71 -8.46 0.62
C GLN A 55 -22.68 -6.99 0.24
N LYS A 56 -23.71 -6.56 -0.48
CA LYS A 56 -23.82 -5.20 -0.98
C LYS A 56 -24.23 -4.14 0.09
N GLY A 57 -24.76 -4.59 1.24
CA GLY A 57 -25.31 -3.66 2.23
C GLY A 57 -26.75 -3.20 1.95
N ALA A 58 -27.46 -3.94 1.10
CA ALA A 58 -28.88 -3.61 0.84
C ALA A 58 -29.86 -4.22 1.85
N ILE A 59 -29.46 -5.36 2.39
CA ILE A 59 -30.29 -6.10 3.33
C ILE A 59 -29.43 -6.65 4.47
N PHE A 60 -30.08 -6.96 5.58
CA PHE A 60 -29.49 -7.87 6.54
C PHE A 60 -30.45 -8.98 6.87
N GLN A 61 -29.89 -10.14 7.24
CA GLN A 61 -30.70 -11.33 7.47
C GLN A 61 -30.47 -11.86 8.87
N VAL A 62 -31.53 -12.31 9.51
CA VAL A 62 -31.36 -12.95 10.82
C VAL A 62 -32.16 -14.24 10.83
N ARG A 63 -31.44 -15.35 10.95
CA ARG A 63 -32.08 -16.66 10.83
C ARG A 63 -33.24 -16.80 11.82
N GLY A 64 -34.42 -17.08 11.28
CA GLY A 64 -35.64 -17.30 12.05
C GLY A 64 -36.38 -16.04 12.46
N SER A 65 -35.91 -14.87 11.99
CA SER A 65 -36.68 -13.63 12.11
C SER A 65 -37.14 -13.16 10.74
N GLY A 66 -36.21 -13.07 9.81
CA GLY A 66 -36.51 -12.64 8.47
C GLY A 66 -35.40 -11.98 7.71
N ILE A 67 -35.80 -11.26 6.67
CA ILE A 67 -34.86 -10.54 5.85
C ILE A 67 -35.37 -9.10 5.82
N PHE A 68 -34.43 -8.18 6.01
CA PHE A 68 -34.69 -6.84 6.50
C PHE A 68 -33.94 -5.83 5.67
N VAL A 69 -34.62 -4.76 5.28
CA VAL A 69 -33.95 -3.75 4.50
C VAL A 69 -32.91 -3.05 5.34
N ARG A 70 -31.81 -2.72 4.69
CA ARG A 70 -30.71 -2.02 5.31
C ARG A 70 -30.52 -0.72 4.57
N LYS A 71 -30.55 0.38 5.30
CA LYS A 71 -30.48 1.71 4.73
C LYS A 71 -30.06 2.71 5.81
N HIS A 72 -28.89 3.31 5.67
CA HIS A 72 -28.50 4.39 6.59
C HIS A 72 -29.31 5.64 6.29
N LYS A 73 -29.44 6.52 7.28
CA LYS A 73 -30.38 7.62 7.19
C LYS A 73 -29.78 8.98 6.80
N ARG A 74 -28.50 8.99 6.38
CA ARG A 74 -27.82 10.26 6.02
C ARG A 74 -27.90 10.60 4.54
N LYS A 75 -27.83 11.90 4.20
CA LYS A 75 -27.82 12.36 2.81
C LYS A 75 -26.47 12.96 2.50
N GLY A 76 -26.15 13.07 1.20
CA GLY A 76 -24.96 13.82 0.71
C GLY A 76 -23.65 13.06 0.74
N TYR A 77 -23.72 11.74 0.91
CA TYR A 77 -22.50 10.93 1.04
C TYR A 77 -22.27 10.12 -0.22
N ILE A 78 -21.02 10.08 -0.66
CA ILE A 78 -20.61 9.36 -1.88
C ILE A 78 -20.24 7.96 -1.38
N SER A 79 -20.76 6.90 -1.99
CA SER A 79 -20.30 5.60 -1.59
C SER A 79 -18.81 5.34 -1.99
N LEU A 80 -18.02 5.01 -0.98
CA LEU A 80 -16.57 4.82 -1.17
C LEU A 80 -16.29 3.72 -2.22
N LEU A 81 -17.02 2.63 -2.11
CA LEU A 81 -16.80 1.45 -2.91
C LEU A 81 -17.76 1.49 -4.08
N SER A 82 -17.20 1.54 -5.29
CA SER A 82 -17.95 1.73 -6.52
C SER A 82 -19.23 0.90 -6.50
N ASN A 83 -19.09 -0.42 -6.32
CA ASN A 83 -20.28 -1.30 -6.32
C ASN A 83 -21.07 -1.46 -5.00
N GLN A 84 -21.16 -0.36 -4.24
CA GLN A 84 -21.99 -0.32 -3.02
C GLN A 84 -23.22 0.60 -3.20
N GLY A 85 -23.15 1.50 -4.19
CA GLY A 85 -24.27 2.35 -4.56
C GLY A 85 -24.59 2.25 -6.04
N ASP A 92 -28.91 11.32 -7.17
CA ASP A 92 -28.38 12.14 -8.25
C ASP A 92 -27.20 13.01 -7.82
N PHE A 93 -25.99 12.46 -7.89
CA PHE A 93 -24.78 13.27 -7.95
C PHE A 93 -24.58 13.67 -9.43
N ASN A 94 -24.76 14.96 -9.74
CA ASN A 94 -24.47 15.45 -11.08
C ASN A 94 -22.97 15.71 -11.34
N VAL A 95 -22.26 14.66 -11.80
CA VAL A 95 -20.80 14.68 -11.90
C VAL A 95 -20.30 14.75 -13.35
N THR A 96 -19.49 15.78 -13.64
CA THR A 96 -18.88 15.99 -14.98
C THR A 96 -17.34 15.97 -14.91
N SER A 97 -16.68 15.83 -16.04
CA SER A 97 -15.19 15.79 -16.03
C SER A 97 -14.56 16.71 -17.05
N LYS A 98 -13.48 17.36 -16.67
CA LYS A 98 -12.62 18.06 -17.63
C LYS A 98 -11.38 17.19 -17.83
N VAL A 99 -11.21 16.71 -19.05
CA VAL A 99 -10.07 15.90 -19.41
C VAL A 99 -8.87 16.83 -19.61
N ILE A 100 -7.82 16.60 -18.81
CA ILE A 100 -6.57 17.33 -18.93
C ILE A 100 -5.60 16.65 -19.94
N GLU A 101 -5.44 15.34 -19.79
CA GLU A 101 -4.50 14.59 -20.62
C GLU A 101 -5.09 13.23 -20.87
N LEU A 102 -4.80 12.69 -22.04
CA LEU A 102 -5.15 11.31 -22.34
C LEU A 102 -4.23 10.85 -23.43
N ASP A 103 -3.49 9.77 -23.18
CA ASP A 103 -2.55 9.26 -24.20
C ASP A 103 -2.19 7.82 -24.00
N VAL A 104 -1.40 7.27 -24.91
CA VAL A 104 -0.82 5.94 -24.75
C VAL A 104 0.67 6.12 -24.41
N ARG A 105 1.15 5.42 -23.41
CA ARG A 105 2.41 5.77 -22.75
C ARG A 105 2.99 4.45 -22.20
N LYS A 106 4.31 4.34 -22.04
CA LYS A 106 4.90 3.24 -21.25
C LYS A 106 4.63 3.52 -19.74
N PRO A 107 4.45 2.48 -18.92
CA PRO A 107 4.13 2.83 -17.54
C PRO A 107 5.39 3.28 -16.80
N THR A 108 5.20 4.11 -15.77
CA THR A 108 6.24 4.39 -14.79
C THR A 108 6.43 3.09 -13.97
N PRO A 109 7.61 2.90 -13.34
CA PRO A 109 7.70 1.76 -12.44
C PRO A 109 6.56 1.59 -11.43
N GLU A 110 6.01 2.68 -10.90
CA GLU A 110 4.89 2.62 -9.94
C GLU A 110 3.59 2.10 -10.59
N ALA A 111 3.32 2.55 -11.81
CA ALA A 111 2.11 2.07 -12.51
C ALA A 111 2.32 0.60 -12.88
N ALA A 112 3.53 0.22 -13.30
CA ALA A 112 3.74 -1.15 -13.75
C ALA A 112 3.57 -2.06 -12.53
N GLU A 113 4.07 -1.66 -11.37
CA GLU A 113 3.94 -2.51 -10.18
C GLU A 113 2.47 -2.68 -9.73
N ASN A 114 1.73 -1.59 -9.75
CA ASN A 114 0.31 -1.63 -9.37
C ASN A 114 -0.60 -2.36 -10.34
N LEU A 115 -0.26 -2.35 -11.62
CA LEU A 115 -1.05 -3.10 -12.64
C LEU A 115 -0.51 -4.48 -12.90
N ASN A 116 0.62 -4.80 -12.28
CA ASN A 116 1.26 -6.09 -12.50
C ASN A 116 1.69 -6.31 -13.94
N ILE A 117 2.35 -5.31 -14.51
CA ILE A 117 2.77 -5.41 -15.91
C ILE A 117 4.25 -5.12 -16.13
N GLY A 118 4.75 -5.44 -17.32
CA GLY A 118 6.10 -5.08 -17.67
C GLY A 118 6.23 -3.65 -18.16
N MSE A 119 7.43 -3.12 -18.03
CA MSE A 119 7.81 -1.78 -18.44
C MSE A 119 7.58 -1.52 -19.93
O MSE A 119 7.52 -0.38 -20.36
CB MSE A 119 9.29 -1.56 -18.10
CG MSE A 119 9.57 -1.35 -16.60
SE MSE A 119 8.42 0.02 -15.85
CE MSE A 119 9.73 1.50 -16.28
N ASP A 120 7.47 -2.60 -20.68
CA ASP A 120 7.28 -2.57 -22.13
C ASP A 120 5.80 -2.56 -22.57
N GLU A 121 4.87 -2.76 -21.63
CA GLU A 121 3.44 -2.86 -21.97
C GLU A 121 2.77 -1.47 -21.94
N ASP A 122 2.11 -1.11 -23.04
CA ASP A 122 1.46 0.17 -23.14
C ASP A 122 0.30 0.30 -22.17
N ILE A 123 0.14 1.51 -21.65
CA ILE A 123 -1.03 1.84 -20.85
C ILE A 123 -1.72 3.04 -21.51
N TYR A 124 -3.01 3.21 -21.24
CA TYR A 124 -3.67 4.51 -21.37
C TYR A 124 -3.45 5.29 -20.08
N TYR A 125 -3.10 6.56 -20.22
CA TYR A 125 -2.93 7.47 -19.08
C TYR A 125 -4.03 8.54 -19.18
N VAL A 126 -4.79 8.72 -18.10
CA VAL A 126 -5.71 9.82 -18.05
C VAL A 126 -5.52 10.71 -16.84
N LYS A 127 -5.49 12.02 -17.14
CA LYS A 127 -5.51 13.01 -16.12
C LYS A 127 -6.81 13.78 -16.25
N ARG A 128 -7.60 13.86 -15.20
CA ARG A 128 -8.82 14.67 -15.32
C ARG A 128 -9.29 15.34 -14.03
N VAL A 129 -10.08 16.40 -14.15
CA VAL A 129 -10.67 17.02 -12.96
C VAL A 129 -12.13 16.66 -13.02
N ARG A 130 -12.64 16.07 -11.94
CA ARG A 130 -14.05 15.78 -11.86
C ARG A 130 -14.83 16.81 -11.03
N TYR A 131 -16.11 16.95 -11.40
CA TYR A 131 -16.95 18.02 -10.89
C TYR A 131 -18.25 17.50 -10.33
N ILE A 132 -18.61 18.00 -9.16
CA ILE A 132 -19.89 17.61 -8.57
C ILE A 132 -20.77 18.85 -8.51
N ASN A 133 -21.95 18.75 -9.13
CA ASN A 133 -22.91 19.84 -9.16
C ASN A 133 -22.25 21.18 -9.51
N GLY A 134 -21.24 21.12 -10.38
CA GLY A 134 -20.51 22.30 -10.82
C GLY A 134 -19.32 22.75 -9.98
N GLN A 135 -19.10 22.13 -8.80
CA GLN A 135 -17.89 22.40 -7.98
C GLN A 135 -16.90 21.28 -8.19
N THR A 136 -15.62 21.53 -7.95
CA THR A 136 -14.60 20.49 -8.10
C THR A 136 -14.83 19.34 -7.11
N LEU A 137 -14.84 18.11 -7.64
CA LEU A 137 -14.90 16.92 -6.81
C LEU A 137 -13.51 16.34 -6.51
N CYS A 138 -12.72 16.09 -7.55
CA CYS A 138 -11.44 15.47 -7.38
C CYS A 138 -10.52 15.70 -8.58
N TYR A 139 -9.24 15.50 -8.33
CA TYR A 139 -8.22 15.51 -9.34
C TYR A 139 -7.69 14.07 -9.40
N GLU A 140 -7.67 13.52 -10.60
CA GLU A 140 -7.48 12.09 -10.80
C GLU A 140 -6.43 11.83 -11.90
N GLU A 141 -5.52 10.92 -11.61
CA GLU A 141 -4.63 10.35 -12.59
C GLU A 141 -4.89 8.87 -12.60
N SER A 142 -5.20 8.34 -13.79
CA SER A 142 -5.23 6.88 -13.85
C SER A 142 -4.52 6.25 -15.03
N TYR A 143 -4.19 4.98 -14.82
CA TYR A 143 -3.36 4.16 -15.69
C TYR A 143 -4.12 2.90 -15.98
N TYR A 144 -4.35 2.63 -17.27
CA TYR A 144 -5.10 1.43 -17.71
C TYR A 144 -4.27 0.54 -18.59
N THR A 145 -4.20 -0.75 -18.29
CA THR A 145 -3.47 -1.71 -19.12
C THR A 145 -4.13 -1.78 -20.50
N LYS A 146 -3.36 -1.45 -21.54
CA LYS A 146 -3.99 -1.26 -22.85
C LYS A 146 -4.42 -2.57 -23.55
N SER A 147 -3.79 -3.70 -23.19
CA SER A 147 -4.16 -5.00 -23.71
C SER A 147 -5.51 -5.45 -23.13
N ILE A 148 -6.02 -4.67 -22.16
CA ILE A 148 -7.32 -4.95 -21.57
C ILE A 148 -8.32 -3.86 -21.94
N VAL A 149 -8.01 -2.63 -21.55
CA VAL A 149 -8.79 -1.48 -21.93
C VAL A 149 -8.22 -1.01 -23.25
N THR A 150 -8.80 -1.57 -24.32
CA THR A 150 -8.21 -1.56 -25.67
C THR A 150 -8.34 -0.26 -26.42
N TYR A 151 -9.34 0.54 -26.11
CA TYR A 151 -9.49 1.83 -26.75
C TYR A 151 -10.12 2.83 -25.77
N LEU A 152 -9.61 4.05 -25.80
CA LEU A 152 -10.22 5.12 -25.06
C LEU A 152 -10.09 6.34 -25.94
N ASN A 153 -11.00 7.30 -25.73
CA ASN A 153 -10.87 8.60 -26.38
C ASN A 153 -11.45 9.70 -25.47
N ASN A 154 -11.34 10.96 -25.88
CA ASN A 154 -11.76 12.08 -25.02
C ASN A 154 -13.20 11.96 -24.49
N GLU A 155 -14.15 11.74 -25.39
CA GLU A 155 -15.53 11.54 -24.96
C GLU A 155 -15.74 10.35 -23.99
N ILE A 156 -15.13 9.20 -24.26
CA ILE A 156 -15.30 8.09 -23.34
C ILE A 156 -14.92 8.54 -21.93
N VAL A 157 -13.80 9.24 -21.89
CA VAL A 157 -13.11 9.49 -20.68
C VAL A 157 -13.71 10.76 -19.99
N SER A 158 -14.59 11.48 -20.70
CA SER A 158 -15.38 12.58 -20.10
C SER A 158 -16.49 12.06 -19.18
N HIS A 159 -16.78 10.78 -19.27
CA HIS A 159 -17.94 10.20 -18.58
C HIS A 159 -17.47 9.03 -17.72
N SER A 160 -18.37 8.16 -17.33
CA SER A 160 -18.01 6.98 -16.55
C SER A 160 -17.16 6.02 -17.38
N ILE A 161 -15.88 5.94 -17.07
CA ILE A 161 -15.04 4.94 -17.69
C ILE A 161 -15.42 3.48 -17.33
N PHE A 162 -15.83 3.23 -16.07
CA PHE A 162 -16.30 1.87 -15.69
C PHE A 162 -17.47 1.42 -16.52
N HIS A 163 -18.41 2.32 -16.78
CA HIS A 163 -19.63 1.98 -17.58
C HIS A 163 -19.25 1.59 -19.00
N TYR A 164 -18.31 2.35 -19.59
CA TYR A 164 -17.81 2.01 -20.90
C TYR A 164 -17.09 0.62 -20.87
N ILE A 165 -16.26 0.39 -19.86
CA ILE A 165 -15.56 -0.90 -19.71
C ILE A 165 -16.54 -2.07 -19.56
N ARG A 166 -17.56 -1.89 -18.73
CA ARG A 166 -18.63 -2.89 -18.54
CA ARG A 166 -18.57 -2.95 -18.57
C ARG A 166 -19.53 -3.05 -19.77
N GLU A 167 -20.11 -1.92 -20.20
CA GLU A 167 -21.15 -1.95 -21.22
C GLU A 167 -20.53 -1.95 -22.60
N GLY A 168 -19.56 -1.08 -22.82
CA GLY A 168 -18.94 -0.93 -24.12
C GLY A 168 -18.01 -2.09 -24.45
N LEU A 169 -17.01 -2.37 -23.59
CA LEU A 169 -16.05 -3.46 -23.86
C LEU A 169 -16.56 -4.83 -23.40
N GLY A 170 -17.63 -4.83 -22.59
CA GLY A 170 -18.21 -6.05 -22.08
C GLY A 170 -17.30 -6.87 -21.16
N LEU A 171 -16.43 -6.15 -20.42
CA LEU A 171 -15.57 -6.71 -19.41
C LEU A 171 -16.24 -6.84 -18.04
N LYS A 172 -15.78 -7.83 -17.28
CA LYS A 172 -16.39 -8.17 -15.98
C LYS A 172 -15.45 -7.66 -14.90
N ILE A 173 -15.93 -6.66 -14.18
CA ILE A 173 -15.12 -5.98 -13.19
C ILE A 173 -15.24 -6.82 -11.89
N GLY A 174 -14.09 -7.21 -11.35
CA GLY A 174 -14.07 -7.97 -10.13
C GLY A 174 -13.74 -7.12 -8.91
N PHE A 175 -12.74 -7.54 -8.16
CA PHE A 175 -12.49 -6.96 -6.87
C PHE A 175 -11.57 -5.71 -6.97
N SER A 176 -11.49 -4.96 -5.88
CA SER A 176 -10.60 -3.81 -5.81
C SER A 176 -10.06 -3.59 -4.41
N ASP A 177 -8.93 -2.90 -4.37
CA ASP A 177 -8.25 -2.48 -3.15
C ASP A 177 -8.10 -0.96 -3.18
N LEU A 178 -8.43 -0.30 -2.08
CA LEU A 178 -8.30 1.15 -1.92
C LEU A 178 -7.40 1.42 -0.71
N PHE A 179 -6.41 2.27 -0.94
CA PHE A 179 -5.45 2.72 0.05
C PHE A 179 -5.68 4.22 0.22
N LEU A 180 -5.99 4.59 1.45
CA LEU A 180 -6.52 5.89 1.74
C LEU A 180 -5.51 6.58 2.65
N HIS A 181 -5.17 7.82 2.31
CA HIS A 181 -4.17 8.55 3.02
C HIS A 181 -4.78 9.95 3.21
N VAL A 182 -4.37 10.65 4.26
CA VAL A 182 -4.74 12.04 4.45
C VAL A 182 -3.49 12.90 4.39
N GLY A 183 -3.57 14.02 3.67
CA GLY A 183 -2.47 14.99 3.68
C GLY A 183 -2.84 16.41 3.28
N GLN A 184 -1.81 17.17 2.87
CA GLN A 184 -1.94 18.56 2.48
C GLN A 184 -1.92 18.65 0.97
N LEU A 185 -2.80 19.48 0.40
CA LEU A 185 -2.79 19.74 -1.05
C LEU A 185 -1.45 20.37 -1.50
N ASN A 186 -0.94 20.01 -2.68
CA ASN A 186 0.19 20.72 -3.22
C ASN A 186 -0.28 21.75 -4.24
N GLU A 187 0.67 22.43 -4.89
CA GLU A 187 0.34 23.55 -5.76
C GLU A 187 -0.53 23.16 -6.92
N GLU A 188 -0.17 22.09 -7.63
CA GLU A 188 -0.95 21.72 -8.82
C GLU A 188 -2.34 21.12 -8.49
N GLU A 189 -2.43 20.38 -7.37
CA GLU A 189 -3.71 19.83 -6.90
C GLU A 189 -4.66 20.94 -6.47
N ALA A 190 -4.11 21.84 -5.65
CA ALA A 190 -4.82 22.99 -5.17
C ALA A 190 -5.25 23.89 -6.33
N GLU A 191 -4.37 24.12 -7.31
CA GLU A 191 -4.73 24.81 -8.57
C GLU A 191 -5.86 24.08 -9.33
N TYR A 192 -5.66 22.82 -9.68
CA TYR A 192 -6.72 22.03 -10.31
C TYR A 192 -8.08 22.03 -9.56
N LEU A 193 -8.03 22.06 -8.23
CA LEU A 193 -9.27 21.97 -7.43
C LEU A 193 -9.91 23.29 -6.98
N GLY A 194 -9.20 24.40 -7.16
CA GLY A 194 -9.73 25.73 -6.84
C GLY A 194 -9.61 26.02 -5.36
N LEU A 195 -8.55 25.48 -4.74
CA LEU A 195 -8.29 25.58 -3.29
C LEU A 195 -6.85 26.04 -3.04
N GLU A 196 -6.51 26.32 -1.79
CA GLU A 196 -5.18 26.81 -1.45
C GLU A 196 -4.32 25.62 -1.09
N ALA A 197 -3.06 25.64 -1.56
CA ALA A 197 -2.01 24.69 -1.16
C ALA A 197 -1.92 24.61 0.35
N GLY A 198 -1.71 23.40 0.85
CA GLY A 198 -1.51 23.23 2.28
C GLY A 198 -2.79 22.89 3.00
N LEU A 199 -3.95 23.17 2.38
CA LEU A 199 -5.23 22.69 2.94
C LEU A 199 -5.36 21.14 2.89
N PRO A 200 -6.30 20.54 3.67
CA PRO A 200 -6.39 19.06 3.70
C PRO A 200 -6.92 18.36 2.45
N LYS A 201 -6.51 17.11 2.26
CA LYS A 201 -7.12 16.23 1.22
C LYS A 201 -7.17 14.78 1.66
N LEU A 202 -8.19 14.06 1.21
CA LEU A 202 -8.15 12.62 1.15
C LEU A 202 -7.50 12.26 -0.17
N TYR A 203 -6.50 11.36 -0.08
CA TYR A 203 -5.75 10.87 -1.21
C TYR A 203 -5.89 9.33 -1.30
N ILE A 204 -6.44 8.83 -2.39
CA ILE A 204 -6.72 7.39 -2.51
C ILE A 204 -5.97 6.80 -3.69
N GLU A 205 -5.26 5.70 -3.45
CA GLU A 205 -4.72 4.88 -4.54
C GLU A 205 -5.57 3.63 -4.67
N SER A 206 -6.11 3.41 -5.87
CA SER A 206 -7.05 2.28 -6.12
C SER A 206 -6.55 1.33 -7.19
N ILE A 207 -6.72 0.03 -6.97
CA ILE A 207 -6.43 -0.94 -8.00
C ILE A 207 -7.69 -1.76 -8.21
N PHE A 208 -8.18 -1.74 -9.44
CA PHE A 208 -9.36 -2.48 -9.83
C PHE A 208 -8.97 -3.69 -10.67
N HIS A 209 -9.68 -4.81 -10.45
CA HIS A 209 -9.36 -6.11 -11.10
C HIS A 209 -10.53 -6.62 -11.88
N LEU A 210 -10.22 -7.36 -12.95
CA LEU A 210 -11.21 -8.18 -13.67
C LEU A 210 -11.52 -9.38 -12.79
N THR A 211 -12.63 -10.07 -13.09
CA THR A 211 -13.02 -11.23 -12.29
C THR A 211 -11.98 -12.34 -12.39
N ASN A 212 -11.14 -12.31 -13.45
CA ASN A 212 -10.04 -13.26 -13.53
C ASN A 212 -8.89 -12.93 -12.59
N GLY A 213 -8.99 -11.82 -11.85
CA GLY A 213 -7.92 -11.34 -10.98
C GLY A 213 -6.91 -10.34 -11.54
N GLN A 214 -6.87 -10.17 -12.84
CA GLN A 214 -5.96 -9.22 -13.48
C GLN A 214 -6.27 -7.73 -13.15
N PRO A 215 -5.30 -6.96 -12.65
CA PRO A 215 -5.56 -5.53 -12.49
C PRO A 215 -5.81 -4.89 -13.85
N PHE A 216 -6.63 -3.85 -13.93
CA PHE A 216 -6.76 -3.19 -15.24
C PHE A 216 -6.71 -1.65 -15.07
N ASP A 217 -6.88 -1.22 -13.82
CA ASP A 217 -6.97 0.21 -13.54
C ASP A 217 -6.30 0.49 -12.21
N TYR A 218 -5.30 1.35 -12.28
CA TYR A 218 -4.62 1.92 -11.14
C TYR A 218 -4.93 3.41 -11.15
N SER A 219 -5.40 3.91 -10.02
CA SER A 219 -6.00 5.21 -9.96
C SER A 219 -5.41 5.96 -8.76
N LYS A 220 -4.98 7.23 -8.96
CA LYS A 220 -4.49 8.09 -7.89
C LYS A 220 -5.38 9.31 -7.83
N ILE A 221 -6.06 9.49 -6.72
CA ILE A 221 -7.11 10.52 -6.65
C ILE A 221 -7.07 11.40 -5.38
N SER A 222 -7.10 12.73 -5.59
CA SER A 222 -7.14 13.70 -4.53
C SER A 222 -8.48 14.41 -4.55
N TYR A 223 -9.20 14.33 -3.44
CA TYR A 223 -10.56 14.83 -3.35
C TYR A 223 -10.61 16.23 -2.78
N ASN A 224 -11.61 17.00 -3.22
CA ASN A 224 -11.94 18.28 -2.63
C ASN A 224 -12.61 18.07 -1.28
N TYR A 225 -11.92 18.45 -0.20
CA TYR A 225 -12.45 18.15 1.16
C TYR A 225 -13.75 18.89 1.49
N GLU A 226 -14.05 19.95 0.74
CA GLU A 226 -15.27 20.75 0.94
C GLU A 226 -16.48 20.20 0.21
N GLN A 227 -16.25 19.30 -0.75
CA GLN A 227 -17.30 18.90 -1.68
C GLN A 227 -17.50 17.41 -1.71
N SER A 228 -16.81 16.69 -0.82
CA SER A 228 -16.93 15.23 -0.70
C SER A 228 -16.93 14.74 0.75
N GLN A 229 -17.64 13.62 0.96
CA GLN A 229 -17.76 12.86 2.20
C GLN A 229 -18.33 11.48 1.81
N PHE A 230 -17.90 10.43 2.50
CA PHE A 230 -18.03 9.06 1.99
C PHE A 230 -18.72 8.17 2.97
N VAL A 231 -19.40 7.14 2.46
CA VAL A 231 -19.96 6.13 3.30
C VAL A 231 -19.39 4.80 2.82
N VAL A 232 -19.07 3.95 3.79
CA VAL A 232 -18.70 2.57 3.49
C VAL A 232 -19.40 1.70 4.51
N GLN A 233 -19.81 0.51 4.06
CA GLN A 233 -20.57 -0.38 4.90
C GLN A 233 -19.81 -1.68 5.12
N ALA A 234 -19.91 -2.21 6.32
CA ALA A 234 -19.29 -3.45 6.55
C ALA A 234 -20.39 -4.38 6.94
N ASN A 235 -20.20 -5.66 6.68
CA ASN A 235 -21.12 -6.70 7.12
C ASN A 235 -20.62 -7.44 8.35
N SER A 236 -21.48 -8.32 8.87
CA SER A 236 -21.28 -8.85 10.20
C SER A 236 -19.87 -9.42 10.43
N MSE B 4 -13.86 -23.70 14.48
CA MSE B 4 -13.72 -24.65 15.62
C MSE B 4 -13.70 -26.14 15.23
O MSE B 4 -13.64 -27.04 16.08
CB MSE B 4 -14.80 -24.37 16.67
CG MSE B 4 -14.31 -23.58 17.89
SE MSE B 4 -13.02 -24.57 19.02
CE MSE B 4 -11.35 -23.82 18.30
N LEU B 5 -13.75 -26.41 13.92
CA LEU B 5 -13.73 -27.79 13.42
C LEU B 5 -12.45 -28.01 12.60
N LYS B 6 -12.37 -29.15 11.88
CA LYS B 6 -11.19 -29.48 11.06
C LYS B 6 -10.96 -28.49 9.91
N TYR B 7 -12.05 -27.98 9.35
CA TYR B 7 -11.99 -27.01 8.29
C TYR B 7 -11.44 -25.64 8.80
N GLN B 8 -11.59 -25.37 10.10
CA GLN B 8 -10.99 -24.17 10.74
C GLN B 8 -9.48 -24.31 10.94
N GLN B 9 -9.02 -25.46 11.43
CA GLN B 9 -7.57 -25.68 11.61
C GLN B 9 -6.81 -25.62 10.27
N ILE B 10 -7.38 -26.26 9.23
CA ILE B 10 -6.79 -26.28 7.89
C ILE B 10 -6.71 -24.85 7.32
N ALA B 11 -7.82 -24.11 7.41
CA ALA B 11 -7.85 -22.69 7.04
C ALA B 11 -6.66 -21.93 7.65
N THR B 12 -6.43 -22.10 8.95
CA THR B 12 -5.38 -21.38 9.65
C THR B 12 -3.96 -21.76 9.17
N GLU B 13 -3.74 -23.06 8.93
CA GLU B 13 -2.45 -23.55 8.45
C GLU B 13 -2.15 -23.04 7.03
N ILE B 14 -3.22 -22.93 6.22
CA ILE B 14 -3.14 -22.33 4.88
C ILE B 14 -2.75 -20.83 4.86
N GLU B 15 -3.41 -20.03 5.71
CA GLU B 15 -2.95 -18.66 6.00
C GLU B 15 -1.47 -18.58 6.39
N THR B 16 -1.04 -19.44 7.34
CA THR B 16 0.38 -19.57 7.74
C THR B 16 1.30 -19.88 6.57
N TYR B 17 0.89 -20.83 5.74
CA TYR B 17 1.60 -21.14 4.50
C TYR B 17 1.78 -19.90 3.61
N ILE B 18 0.72 -19.08 3.50
CA ILE B 18 0.71 -17.84 2.71
C ILE B 18 1.75 -16.82 3.23
N GLU B 19 1.68 -16.56 4.54
CA GLU B 19 2.65 -15.74 5.29
C GLU B 19 4.08 -16.23 5.08
N GLU B 20 4.30 -17.51 5.34
CA GLU B 20 5.66 -18.06 5.37
C GLU B 20 6.31 -18.03 4.01
N HIS B 21 5.53 -18.35 2.98
CA HIS B 21 6.05 -18.28 1.62
C HIS B 21 6.01 -16.87 1.08
N GLN B 22 5.59 -15.91 1.93
CA GLN B 22 5.46 -14.49 1.57
C GLN B 22 4.68 -14.29 0.26
N LEU B 23 3.61 -15.05 0.07
CA LEU B 23 2.80 -14.94 -1.15
C LEU B 23 2.07 -13.59 -1.23
N GLN B 24 2.05 -12.99 -2.41
CA GLN B 24 1.31 -11.75 -2.60
C GLN B 24 0.07 -11.99 -3.44
N GLN B 25 -0.79 -10.98 -3.52
CA GLN B 25 -2.01 -11.04 -4.30
C GLN B 25 -1.80 -11.56 -5.72
N GLY B 26 -2.63 -12.51 -6.16
CA GLY B 26 -2.49 -13.11 -7.48
C GLY B 26 -1.65 -14.39 -7.58
N ASP B 27 -0.85 -14.69 -6.55
CA ASP B 27 -0.11 -15.93 -6.49
C ASP B 27 -1.05 -17.14 -6.36
N LYS B 28 -0.71 -18.21 -7.06
CA LYS B 28 -1.53 -19.39 -7.13
C LYS B 28 -1.22 -20.24 -5.90
N LEU B 29 -2.25 -20.73 -5.23
CA LEU B 29 -2.06 -21.71 -4.16
C LEU B 29 -2.01 -23.15 -4.70
N PRO B 30 -1.52 -24.10 -3.87
CA PRO B 30 -1.61 -25.52 -4.24
C PRO B 30 -3.02 -25.90 -4.71
N VAL B 31 -3.08 -26.79 -5.70
CA VAL B 31 -4.32 -27.27 -6.27
C VAL B 31 -5.07 -28.19 -5.28
N LEU B 32 -6.40 -28.34 -5.43
CA LEU B 32 -7.20 -29.13 -4.49
C LEU B 32 -6.53 -30.44 -4.01
N GLU B 33 -6.11 -31.28 -4.95
CA GLU B 33 -5.55 -32.58 -4.65
C GLU B 33 -4.26 -32.48 -3.83
N THR B 34 -3.52 -31.39 -3.97
CA THR B 34 -2.28 -31.15 -3.19
C THR B 34 -2.59 -30.83 -1.72
N LEU B 35 -3.63 -30.02 -1.54
CA LEU B 35 -4.12 -29.66 -0.22
C LEU B 35 -4.70 -30.86 0.51
N MSE B 36 -5.54 -31.63 -0.18
CA MSE B 36 -6.04 -32.88 0.38
C MSE B 36 -4.89 -33.72 0.88
O MSE B 36 -4.90 -34.15 2.01
CB MSE B 36 -6.83 -33.67 -0.65
CG MSE B 36 -8.19 -33.09 -0.92
SE MSE B 36 -8.91 -33.99 -2.46
CE MSE B 36 -8.76 -32.69 -3.84
N ALA B 37 -3.90 -33.94 0.02
CA ALA B 37 -2.79 -34.86 0.32
C ALA B 37 -2.01 -34.32 1.49
N GLN B 38 -1.71 -33.02 1.42
CA GLN B 38 -1.07 -32.28 2.50
C GLN B 38 -1.71 -32.51 3.87
N PHE B 39 -2.98 -32.13 4.06
CA PHE B 39 -3.59 -32.24 5.37
C PHE B 39 -4.33 -33.56 5.57
N GLU B 40 -4.12 -34.48 4.62
CA GLU B 40 -4.76 -35.81 4.65
C GLU B 40 -6.24 -35.74 5.08
N VAL B 41 -7.04 -35.09 4.22
CA VAL B 41 -8.45 -34.83 4.50
C VAL B 41 -9.28 -35.03 3.23
N SER B 42 -10.60 -35.02 3.40
CA SER B 42 -11.48 -35.13 2.25
C SER B 42 -11.41 -33.94 1.26
N LYS B 43 -11.91 -34.19 0.05
CA LYS B 43 -12.17 -33.13 -0.91
C LYS B 43 -13.13 -32.14 -0.27
N SER B 44 -14.15 -32.67 0.41
CA SER B 44 -15.19 -31.84 1.04
C SER B 44 -14.64 -30.99 2.21
N THR B 45 -13.67 -31.54 2.93
CA THR B 45 -13.04 -30.82 4.04
C THR B 45 -12.24 -29.67 3.48
N ILE B 46 -11.49 -29.91 2.41
CA ILE B 46 -10.74 -28.82 1.76
C ILE B 46 -11.67 -27.75 1.18
N THR B 47 -12.77 -28.18 0.55
CA THR B 47 -13.73 -27.26 -0.06
C THR B 47 -14.33 -26.27 0.97
N LYS B 48 -14.57 -26.76 2.19
CA LYS B 48 -15.06 -25.94 3.31
C LYS B 48 -14.01 -24.97 3.86
N SER B 49 -12.75 -25.40 3.87
CA SER B 49 -11.64 -24.53 4.24
C SER B 49 -11.49 -23.40 3.22
N LEU B 50 -11.65 -23.75 1.96
CA LEU B 50 -11.55 -22.76 0.91
C LEU B 50 -12.68 -21.73 1.01
N GLU B 51 -13.92 -22.14 1.38
CA GLU B 51 -15.01 -21.13 1.50
C GLU B 51 -14.73 -20.13 2.61
N LEU B 52 -14.37 -20.65 3.79
CA LEU B 52 -14.00 -19.81 4.91
C LEU B 52 -13.00 -18.71 4.52
N LEU B 53 -11.87 -19.13 3.93
CA LEU B 53 -10.81 -18.24 3.47
C LEU B 53 -11.29 -17.17 2.49
N GLU B 54 -12.18 -17.58 1.59
CA GLU B 54 -12.67 -16.73 0.53
C GLU B 54 -13.53 -15.63 1.13
N GLN B 55 -14.49 -16.00 1.98
CA GLN B 55 -15.32 -15.02 2.69
C GLN B 55 -14.49 -14.16 3.66
N LYS B 56 -13.35 -14.69 4.09
CA LYS B 56 -12.35 -13.93 4.86
C LYS B 56 -11.45 -13.00 3.99
N GLY B 57 -11.63 -13.02 2.67
CA GLY B 57 -10.82 -12.17 1.75
C GLY B 57 -9.34 -12.57 1.67
N ALA B 58 -9.07 -13.82 2.08
CA ALA B 58 -7.72 -14.37 2.08
C ALA B 58 -7.38 -14.89 0.68
N ILE B 59 -8.37 -15.46 0.00
CA ILE B 59 -8.17 -16.06 -1.33
C ILE B 59 -9.33 -15.71 -2.22
N PHE B 60 -9.14 -15.87 -3.53
CA PHE B 60 -10.22 -15.92 -4.48
C PHE B 60 -10.02 -17.11 -5.44
N GLN B 61 -11.10 -17.56 -6.06
CA GLN B 61 -11.04 -18.70 -6.93
C GLN B 61 -11.54 -18.35 -8.34
N VAL B 62 -10.82 -18.78 -9.36
CA VAL B 62 -11.26 -18.57 -10.73
C VAL B 62 -11.41 -19.93 -11.42
N ARG B 63 -12.66 -20.35 -11.61
CA ARG B 63 -12.91 -21.71 -12.12
C ARG B 63 -12.31 -21.85 -13.51
N GLY B 64 -11.65 -23.00 -13.71
CA GLY B 64 -10.85 -23.23 -14.90
C GLY B 64 -9.35 -23.18 -14.63
N SER B 65 -8.92 -22.26 -13.77
CA SER B 65 -7.49 -22.02 -13.60
C SER B 65 -6.91 -22.03 -12.16
N GLY B 66 -7.71 -21.75 -11.13
CA GLY B 66 -7.23 -21.99 -9.79
C GLY B 66 -7.67 -21.20 -8.57
N ILE B 67 -6.91 -21.39 -7.49
CA ILE B 67 -7.07 -20.71 -6.20
C ILE B 67 -5.91 -19.77 -6.05
N PHE B 68 -6.20 -18.49 -5.76
CA PHE B 68 -5.20 -17.41 -5.72
C PHE B 68 -5.28 -16.58 -4.43
N VAL B 69 -4.16 -15.96 -4.04
CA VAL B 69 -4.10 -15.10 -2.87
C VAL B 69 -4.85 -13.81 -3.22
N ARG B 70 -5.71 -13.35 -2.31
CA ARG B 70 -6.57 -12.21 -2.47
C ARG B 70 -6.04 -11.02 -1.67
N LYS B 71 -5.44 -11.31 -0.51
CA LYS B 71 -5.01 -10.31 0.44
C LYS B 71 -4.24 -9.24 -0.30
N HIS B 72 -4.64 -8.01 -0.01
CA HIS B 72 -4.06 -6.83 -0.64
C HIS B 72 -2.52 -6.79 -0.54
N LYS B 73 -1.89 -6.15 -1.52
CA LYS B 73 -0.45 -5.84 -1.43
C LYS B 73 -0.24 -4.70 -0.44
N ARG B 74 1.03 -4.36 -0.16
CA ARG B 74 1.42 -3.27 0.79
C ARG B 74 1.19 -3.67 2.24
N LYS B 75 1.95 -3.05 3.14
CA LYS B 75 2.04 -3.41 4.54
C LYS B 75 1.77 -2.14 5.32
N GLY B 76 1.32 -2.26 6.55
CA GLY B 76 1.31 -1.10 7.46
C GLY B 76 0.10 -0.22 7.32
N TYR B 77 -0.89 -0.69 6.56
CA TYR B 77 -2.22 -0.05 6.44
C TYR B 77 -3.19 -0.64 7.49
N ILE B 78 -3.97 0.24 8.12
CA ILE B 78 -5.00 -0.19 9.08
C ILE B 78 -6.24 -0.54 8.25
N SER B 79 -6.78 -1.71 8.57
CA SER B 79 -8.01 -2.16 7.97
C SER B 79 -9.16 -1.22 8.37
N LEU B 80 -9.68 -0.50 7.40
CA LEU B 80 -10.73 0.46 7.70
C LEU B 80 -11.96 -0.23 8.30
N LEU B 81 -12.31 -1.39 7.75
CA LEU B 81 -13.44 -2.18 8.23
C LEU B 81 -12.96 -3.23 9.25
N SER B 82 -13.57 -3.24 10.43
CA SER B 82 -13.11 -4.08 11.54
C SER B 82 -13.49 -5.53 11.30
N ASN B 83 -12.55 -6.44 11.53
CA ASN B 83 -12.83 -7.88 11.66
C ASN B 83 -13.43 -8.52 10.41
N GLN B 84 -12.65 -8.51 9.31
CA GLN B 84 -13.12 -9.04 8.01
C GLN B 84 -12.03 -9.68 7.15
N ASP B 89 -7.20 -5.29 11.79
CA ASP B 89 -5.85 -4.77 11.93
C ASP B 89 -5.68 -4.05 13.26
N LEU B 90 -6.49 -3.00 13.45
CA LEU B 90 -6.43 -2.06 14.58
C LEU B 90 -5.90 -2.68 15.88
N GLU B 91 -6.72 -3.53 16.50
CA GLU B 91 -6.44 -4.07 17.82
C GLU B 91 -5.16 -4.90 17.95
N ASP B 92 -4.66 -5.40 16.81
CA ASP B 92 -3.43 -6.23 16.81
C ASP B 92 -2.13 -5.54 16.34
N PHE B 93 -2.26 -4.26 15.91
CA PHE B 93 -1.16 -3.29 15.96
C PHE B 93 -0.85 -3.14 17.46
N ASN B 94 0.27 -2.51 17.81
CA ASN B 94 0.53 -2.35 19.23
C ASN B 94 -0.14 -1.10 19.78
N VAL B 95 -1.45 -1.20 19.96
CA VAL B 95 -2.30 -0.07 20.26
C VAL B 95 -2.66 0.03 21.75
N THR B 96 -2.26 1.14 22.35
CA THR B 96 -2.61 1.45 23.73
C THR B 96 -3.52 2.67 23.78
N SER B 97 -4.15 2.85 24.94
CA SER B 97 -5.15 3.89 25.17
C SER B 97 -4.94 4.56 26.51
N LYS B 98 -5.11 5.88 26.49
CA LYS B 98 -5.25 6.73 27.66
C LYS B 98 -6.74 7.11 27.78
N VAL B 99 -7.40 6.71 28.86
CA VAL B 99 -8.80 7.05 29.05
C VAL B 99 -8.85 8.44 29.63
N ILE B 100 -9.52 9.35 28.95
CA ILE B 100 -9.69 10.69 29.42
C ILE B 100 -10.94 10.77 30.28
N GLU B 101 -12.05 10.18 29.79
CA GLU B 101 -13.29 10.13 30.52
C GLU B 101 -14.01 8.78 30.32
N LEU B 102 -14.72 8.32 31.34
CA LEU B 102 -15.62 7.21 31.20
C LEU B 102 -16.64 7.44 32.26
N ASP B 103 -17.90 7.56 31.87
CA ASP B 103 -18.96 7.70 32.84
C ASP B 103 -20.30 7.27 32.24
N VAL B 104 -21.35 7.33 33.06
CA VAL B 104 -22.70 7.15 32.60
C VAL B 104 -23.30 8.52 32.53
N ARG B 105 -24.10 8.74 31.49
CA ARG B 105 -24.44 10.05 30.96
C ARG B 105 -25.69 9.87 30.11
N LYS B 106 -26.51 10.90 30.00
CA LYS B 106 -27.51 10.96 28.93
C LYS B 106 -26.81 11.23 27.57
N PRO B 107 -27.37 10.70 26.47
CA PRO B 107 -26.72 10.94 25.17
C PRO B 107 -26.96 12.37 24.66
N THR B 108 -26.01 12.90 23.90
CA THR B 108 -26.31 14.04 23.07
C THR B 108 -27.47 13.69 22.09
N PRO B 109 -28.15 14.70 21.54
CA PRO B 109 -29.14 14.39 20.48
C PRO B 109 -28.56 13.57 19.32
N GLU B 110 -27.42 14.01 18.79
CA GLU B 110 -26.67 13.25 17.80
C GLU B 110 -26.42 11.75 18.17
N ALA B 111 -26.01 11.47 19.39
CA ALA B 111 -25.67 10.06 19.71
C ALA B 111 -26.96 9.27 19.82
N ALA B 112 -28.01 9.93 20.33
CA ALA B 112 -29.31 9.30 20.55
C ALA B 112 -29.88 8.84 19.21
N GLU B 113 -29.74 9.70 18.21
CA GLU B 113 -30.24 9.47 16.88
C GLU B 113 -29.43 8.36 16.21
N ASN B 114 -28.11 8.42 16.30
CA ASN B 114 -27.28 7.33 15.74
C ASN B 114 -27.42 5.96 16.47
N LEU B 115 -27.65 5.98 17.77
CA LEU B 115 -27.95 4.78 18.52
C LEU B 115 -29.42 4.36 18.45
N ASN B 116 -30.26 5.19 17.85
CA ASN B 116 -31.70 4.95 17.82
C ASN B 116 -32.34 4.88 19.17
N ILE B 117 -31.95 5.74 20.09
CA ILE B 117 -32.54 5.68 21.43
C ILE B 117 -33.25 6.97 21.84
N GLY B 118 -34.05 6.87 22.89
CA GLY B 118 -34.62 8.07 23.51
C GLY B 118 -33.48 8.81 24.18
N MSE B 119 -33.64 10.12 24.34
CA MSE B 119 -32.60 10.92 25.02
C MSE B 119 -32.52 10.72 26.54
O MSE B 119 -31.55 11.13 27.18
CB MSE B 119 -32.71 12.38 24.62
CG MSE B 119 -32.19 12.63 23.21
SE MSE B 119 -32.75 14.33 22.66
CE MSE B 119 -31.86 15.34 24.12
N ASP B 120 -33.54 10.05 27.10
CA ASP B 120 -33.48 9.73 28.52
C ASP B 120 -32.89 8.35 28.79
N GLU B 121 -32.44 7.66 27.74
CA GLU B 121 -31.79 6.36 27.90
C GLU B 121 -30.30 6.55 28.24
N ASP B 122 -29.82 5.90 29.30
CA ASP B 122 -28.41 6.02 29.70
C ASP B 122 -27.44 5.47 28.63
N ILE B 123 -26.34 6.17 28.41
CA ILE B 123 -25.26 5.62 27.60
C ILE B 123 -24.01 5.59 28.47
N TYR B 124 -23.07 4.67 28.18
CA TYR B 124 -21.67 4.83 28.60
C TYR B 124 -20.95 5.76 27.65
N TYR B 125 -20.24 6.75 28.20
CA TYR B 125 -19.51 7.68 27.35
C TYR B 125 -18.04 7.45 27.51
N VAL B 126 -17.32 7.32 26.41
CA VAL B 126 -15.87 7.22 26.51
C VAL B 126 -15.11 8.22 25.67
N LYS B 127 -14.08 8.81 26.28
CA LYS B 127 -13.24 9.76 25.59
C LYS B 127 -11.82 9.23 25.80
N ARG B 128 -11.09 8.97 24.70
CA ARG B 128 -9.77 8.40 24.82
C ARG B 128 -8.84 8.76 23.66
N VAL B 129 -7.56 8.84 23.97
CA VAL B 129 -6.56 9.01 22.95
C VAL B 129 -5.94 7.64 22.83
N ARG B 130 -5.75 7.22 21.58
CA ARG B 130 -5.12 5.94 21.33
C ARG B 130 -3.75 6.11 20.67
N TYR B 131 -2.84 5.15 20.90
CA TYR B 131 -1.44 5.21 20.45
C TYR B 131 -0.98 3.93 19.73
N ILE B 132 -0.21 4.09 18.66
CA ILE B 132 0.40 2.95 17.98
C ILE B 132 1.87 3.15 18.06
N ASN B 133 2.53 2.24 18.78
CA ASN B 133 3.96 2.32 19.04
C ASN B 133 4.45 3.67 19.54
N GLY B 134 3.86 4.13 20.64
CA GLY B 134 4.34 5.35 21.33
C GLY B 134 3.94 6.67 20.67
N GLN B 135 3.30 6.60 19.51
CA GLN B 135 2.85 7.78 18.80
C GLN B 135 1.31 7.79 18.82
N THR B 136 0.72 8.99 18.78
CA THR B 136 -0.74 9.10 18.74
C THR B 136 -1.33 8.58 17.43
N LEU B 137 -2.40 7.79 17.59
CA LEU B 137 -3.19 7.25 16.47
C LEU B 137 -4.47 8.08 16.23
N CYS B 138 -5.19 8.35 17.31
CA CYS B 138 -6.48 8.98 17.21
C CYS B 138 -6.95 9.52 18.54
N TYR B 139 -8.00 10.33 18.45
CA TYR B 139 -8.70 10.89 19.54
C TYR B 139 -10.14 10.46 19.24
N GLU B 140 -10.79 9.83 20.23
CA GLU B 140 -12.09 9.26 20.05
C GLU B 140 -13.12 9.62 21.13
N GLU B 141 -14.37 9.78 20.72
CA GLU B 141 -15.47 9.81 21.65
C GLU B 141 -16.37 8.72 21.17
N SER B 142 -16.79 7.84 22.09
CA SER B 142 -17.81 6.88 21.75
C SER B 142 -18.93 6.77 22.77
N TYR B 143 -20.06 6.27 22.31
CA TYR B 143 -21.25 6.22 23.10
C TYR B 143 -21.87 4.86 22.97
N TYR B 144 -22.10 4.20 24.09
CA TYR B 144 -22.65 2.85 24.10
C TYR B 144 -23.95 2.82 24.81
N THR B 145 -24.97 2.22 24.19
CA THR B 145 -26.29 2.05 24.83
C THR B 145 -26.14 1.18 26.05
N LYS B 146 -26.42 1.72 27.23
CA LYS B 146 -26.15 1.05 28.51
C LYS B 146 -27.02 -0.21 28.76
N SER B 147 -28.24 -0.23 28.24
CA SER B 147 -29.11 -1.39 28.44
C SER B 147 -28.63 -2.55 27.56
N ILE B 148 -27.78 -2.24 26.59
CA ILE B 148 -27.07 -3.27 25.81
C ILE B 148 -25.68 -3.58 26.43
N VAL B 149 -24.81 -2.57 26.53
CA VAL B 149 -23.44 -2.74 27.09
C VAL B 149 -23.54 -2.36 28.54
N THR B 150 -23.78 -3.36 29.37
CA THR B 150 -24.44 -3.07 30.64
C THR B 150 -23.46 -2.52 31.68
N TYR B 151 -22.18 -2.89 31.54
CA TYR B 151 -21.12 -2.37 32.39
C TYR B 151 -19.81 -2.21 31.63
N LEU B 152 -19.10 -1.12 31.90
CA LEU B 152 -17.77 -0.86 31.37
C LEU B 152 -16.88 -0.37 32.52
N ASN B 153 -15.59 -0.67 32.44
CA ASN B 153 -14.66 -0.07 33.42
C ASN B 153 -13.39 0.41 32.76
N ASN B 154 -12.54 1.07 33.54
CA ASN B 154 -11.31 1.59 32.99
C ASN B 154 -10.50 0.56 32.23
N GLU B 155 -10.39 -0.65 32.78
CA GLU B 155 -9.58 -1.70 32.15
C GLU B 155 -10.08 -2.09 30.75
N ILE B 156 -11.38 -2.33 30.61
CA ILE B 156 -11.96 -2.70 29.32
C ILE B 156 -11.66 -1.61 28.26
N VAL B 157 -11.95 -0.37 28.64
CA VAL B 157 -11.86 0.82 27.78
C VAL B 157 -10.40 1.27 27.46
N SER B 158 -9.43 0.84 28.24
CA SER B 158 -8.04 1.01 27.79
C SER B 158 -7.54 -0.14 26.91
N HIS B 159 -8.37 -1.16 26.71
CA HIS B 159 -8.02 -2.23 25.78
C HIS B 159 -8.98 -2.33 24.59
N SER B 160 -9.42 -3.53 24.25
CA SER B 160 -10.42 -3.74 23.20
C SER B 160 -11.82 -3.86 23.76
N ILE B 161 -12.61 -2.81 23.56
CA ILE B 161 -13.99 -2.81 24.03
C ILE B 161 -14.81 -3.94 23.33
N PHE B 162 -14.62 -4.11 22.01
CA PHE B 162 -15.32 -5.13 21.24
C PHE B 162 -14.98 -6.53 21.70
N HIS B 163 -13.73 -6.70 22.12
CA HIS B 163 -13.36 -7.96 22.76
C HIS B 163 -14.23 -8.30 23.96
N TYR B 164 -14.45 -7.35 24.88
CA TYR B 164 -15.27 -7.60 26.07
C TYR B 164 -16.73 -7.86 25.69
N ILE B 165 -17.19 -7.12 24.69
CA ILE B 165 -18.56 -7.18 24.22
C ILE B 165 -18.86 -8.58 23.73
N ARG B 166 -17.95 -9.14 22.94
CA ARG B 166 -18.11 -10.46 22.34
C ARG B 166 -17.91 -11.50 23.43
N GLU B 167 -16.73 -11.43 24.07
CA GLU B 167 -16.26 -12.47 24.95
C GLU B 167 -16.95 -12.41 26.30
N GLY B 168 -17.10 -11.23 26.88
CA GLY B 168 -17.58 -11.07 28.24
C GLY B 168 -19.07 -10.92 28.34
N LEU B 169 -19.67 -10.11 27.45
CA LEU B 169 -21.13 -9.94 27.45
C LEU B 169 -21.86 -10.98 26.59
N GLY B 170 -21.11 -11.66 25.72
CA GLY B 170 -21.67 -12.66 24.82
C GLY B 170 -22.53 -12.10 23.71
N LEU B 171 -22.27 -10.86 23.30
CA LEU B 171 -23.05 -10.22 22.24
C LEU B 171 -22.47 -10.51 20.87
N LYS B 172 -23.32 -10.48 19.86
CA LYS B 172 -22.92 -10.81 18.51
C LYS B 172 -22.95 -9.52 17.70
N ILE B 173 -21.76 -9.07 17.33
CA ILE B 173 -21.53 -7.82 16.63
C ILE B 173 -21.78 -8.02 15.13
N GLY B 174 -22.64 -7.21 14.53
CA GLY B 174 -23.00 -7.40 13.14
C GLY B 174 -22.48 -6.25 12.30
N PHE B 175 -23.35 -5.71 11.44
CA PHE B 175 -22.92 -4.74 10.44
C PHE B 175 -22.65 -3.38 11.06
N SER B 176 -21.87 -2.56 10.33
CA SER B 176 -21.59 -1.20 10.71
C SER B 176 -21.60 -0.28 9.49
N ASP B 177 -21.95 0.97 9.73
CA ASP B 177 -21.85 2.06 8.76
C ASP B 177 -20.75 3.06 9.15
N LEU B 178 -19.85 3.39 8.23
CA LEU B 178 -18.82 4.43 8.47
C LEU B 178 -19.02 5.60 7.54
N PHE B 179 -18.98 6.82 8.12
CA PHE B 179 -19.08 8.10 7.47
C PHE B 179 -17.74 8.83 7.63
N LEU B 180 -17.12 9.12 6.49
CA LEU B 180 -15.74 9.67 6.42
C LEU B 180 -15.75 11.11 5.94
N HIS B 181 -15.01 11.97 6.66
CA HIS B 181 -14.91 13.39 6.37
C HIS B 181 -13.43 13.74 6.45
N VAL B 182 -13.00 14.64 5.60
CA VAL B 182 -11.66 15.24 5.74
C VAL B 182 -11.78 16.70 6.13
N GLY B 183 -11.01 17.09 7.15
CA GLY B 183 -11.13 18.38 7.76
C GLY B 183 -9.78 18.86 8.28
N GLN B 184 -9.81 20.00 8.99
CA GLN B 184 -8.67 20.54 9.68
C GLN B 184 -8.82 20.26 11.17
N LEU B 185 -7.71 19.88 11.81
CA LEU B 185 -7.70 19.74 13.26
C LEU B 185 -7.99 21.05 13.97
N ASN B 186 -8.78 20.97 15.03
CA ASN B 186 -9.00 22.11 15.87
C ASN B 186 -8.05 22.02 17.05
N GLU B 187 -8.09 23.02 17.94
CA GLU B 187 -7.09 23.15 19.02
C GLU B 187 -7.11 21.95 19.94
N GLU B 188 -8.30 21.54 20.32
CA GLU B 188 -8.44 20.44 21.23
C GLU B 188 -7.95 19.12 20.59
N GLU B 189 -8.38 18.83 19.36
CA GLU B 189 -7.85 17.65 18.66
C GLU B 189 -6.32 17.73 18.47
N ALA B 190 -5.82 18.88 18.00
CA ALA B 190 -4.39 19.05 17.76
C ALA B 190 -3.56 18.80 19.04
N GLU B 191 -4.06 19.28 20.16
CA GLU B 191 -3.37 19.09 21.43
C GLU B 191 -3.35 17.60 21.88
N TYR B 192 -4.51 16.93 21.82
CA TYR B 192 -4.54 15.47 22.10
C TYR B 192 -3.61 14.68 21.16
N LEU B 193 -3.58 15.05 19.89
CA LEU B 193 -2.73 14.35 18.90
C LEU B 193 -1.28 14.78 18.89
N GLY B 194 -0.98 15.89 19.57
CA GLY B 194 0.38 16.47 19.52
C GLY B 194 0.75 17.05 18.16
N LEU B 195 -0.24 17.53 17.41
CA LEU B 195 -0.01 18.14 16.09
C LEU B 195 -0.43 19.60 16.18
N GLU B 196 -0.34 20.35 15.09
CA GLU B 196 -0.78 21.76 15.06
C GLU B 196 -2.23 21.87 14.58
N ALA B 197 -2.98 22.84 15.12
CA ALA B 197 -4.34 23.10 14.66
C ALA B 197 -4.32 23.53 13.19
N GLY B 198 -5.35 23.14 12.45
CA GLY B 198 -5.40 23.51 11.04
C GLY B 198 -4.81 22.46 10.13
N LEU B 199 -3.96 21.59 10.68
CA LEU B 199 -3.43 20.45 9.91
C LEU B 199 -4.57 19.48 9.60
N PRO B 200 -4.39 18.61 8.58
CA PRO B 200 -5.43 17.69 8.09
C PRO B 200 -5.77 16.59 9.07
N LYS B 201 -7.03 16.16 9.04
CA LYS B 201 -7.45 14.93 9.76
C LYS B 201 -8.50 14.18 8.96
N LEU B 202 -8.48 12.87 9.11
CA LEU B 202 -9.59 12.03 8.74
C LEU B 202 -10.47 11.88 9.97
N TYR B 203 -11.74 12.18 9.76
CA TYR B 203 -12.71 12.20 10.79
C TYR B 203 -13.81 11.20 10.43
N ILE B 204 -13.94 10.15 11.22
CA ILE B 204 -14.90 9.08 10.91
C ILE B 204 -15.92 8.95 12.01
N GLU B 205 -17.20 8.91 11.62
CA GLU B 205 -18.29 8.45 12.46
C GLU B 205 -18.75 7.07 12.11
N SER B 206 -18.78 6.19 13.13
CA SER B 206 -19.17 4.82 12.94
C SER B 206 -20.42 4.44 13.72
N ILE B 207 -21.28 3.65 13.10
CA ILE B 207 -22.41 3.06 13.88
C ILE B 207 -22.25 1.54 13.77
N PHE B 208 -22.03 0.90 14.91
CA PHE B 208 -21.94 -0.55 14.96
C PHE B 208 -23.27 -1.12 15.46
N HIS B 209 -23.71 -2.21 14.84
CA HIS B 209 -25.03 -2.79 15.13
C HIS B 209 -24.79 -4.20 15.65
N LEU B 210 -25.69 -4.68 16.51
CA LEU B 210 -25.76 -6.11 16.80
C LEU B 210 -26.30 -6.86 15.56
N THR B 211 -26.18 -8.18 15.55
CA THR B 211 -26.66 -8.92 14.36
C THR B 211 -28.16 -8.76 14.09
N ASN B 212 -28.93 -8.40 15.13
CA ASN B 212 -30.39 -8.12 14.98
C ASN B 212 -30.67 -6.71 14.47
N GLY B 213 -29.61 -5.96 14.15
CA GLY B 213 -29.78 -4.66 13.52
C GLY B 213 -29.85 -3.51 14.52
N GLN B 214 -29.90 -3.83 15.81
CA GLN B 214 -29.89 -2.82 16.87
C GLN B 214 -28.51 -2.11 17.08
N PRO B 215 -28.47 -0.74 16.95
CA PRO B 215 -27.17 -0.08 17.21
C PRO B 215 -26.74 -0.31 18.65
N PHE B 216 -25.43 -0.39 18.88
CA PHE B 216 -24.91 -0.49 20.26
C PHE B 216 -23.78 0.52 20.56
N ASP B 217 -23.15 1.04 19.52
CA ASP B 217 -21.93 1.90 19.65
C ASP B 217 -21.91 2.96 18.53
N TYR B 218 -21.87 4.23 18.89
CA TYR B 218 -21.65 5.32 17.97
C TYR B 218 -20.35 5.94 18.41
N SER B 219 -19.42 6.08 17.48
CA SER B 219 -18.13 6.68 17.78
C SER B 219 -17.77 7.80 16.79
N LYS B 220 -16.98 8.75 17.29
CA LYS B 220 -16.49 9.89 16.53
C LYS B 220 -15.01 9.91 16.71
N ILE B 221 -14.26 9.75 15.61
CA ILE B 221 -12.81 9.62 15.70
C ILE B 221 -12.06 10.51 14.73
N SER B 222 -11.04 11.18 15.25
CA SER B 222 -10.11 11.94 14.43
C SER B 222 -8.76 11.26 14.51
N TYR B 223 -8.20 10.91 13.36
CA TYR B 223 -6.89 10.29 13.28
C TYR B 223 -5.74 11.26 13.05
N ASN B 224 -4.56 10.88 13.55
CA ASN B 224 -3.31 11.54 13.22
C ASN B 224 -2.88 11.22 11.77
N TYR B 225 -2.97 12.21 10.87
CA TYR B 225 -2.63 12.01 9.46
C TYR B 225 -1.20 11.53 9.20
N GLU B 226 -0.30 11.74 10.16
CA GLU B 226 1.08 11.30 10.00
C GLU B 226 1.33 9.88 10.47
N GLN B 227 0.36 9.26 11.13
CA GLN B 227 0.62 7.95 11.80
C GLN B 227 -0.43 6.90 11.38
N SER B 228 -1.20 7.19 10.35
CA SER B 228 -2.30 6.28 9.94
C SER B 228 -2.61 6.38 8.45
N GLN B 229 -3.01 5.27 7.86
CA GLN B 229 -3.47 5.20 6.49
C GLN B 229 -4.16 3.90 6.46
N PHE B 230 -5.15 3.78 5.57
CA PHE B 230 -6.18 2.71 5.64
C PHE B 230 -6.34 1.91 4.36
N VAL B 231 -6.64 0.64 4.50
CA VAL B 231 -6.99 -0.17 3.38
C VAL B 231 -8.40 -0.74 3.54
N VAL B 232 -9.04 -0.95 2.38
CA VAL B 232 -10.28 -1.65 2.28
C VAL B 232 -10.31 -2.48 1.01
N GLN B 233 -10.77 -3.71 1.20
CA GLN B 233 -10.89 -4.68 0.13
C GLN B 233 -12.35 -4.71 -0.22
N ALA B 234 -12.65 -4.55 -1.51
CA ALA B 234 -14.03 -4.59 -1.98
C ALA B 234 -14.18 -5.75 -2.95
N ASN B 235 -15.26 -6.51 -2.80
CA ASN B 235 -15.52 -7.64 -3.69
C ASN B 235 -16.82 -7.48 -4.46
N LYS C 6 44.40 -6.47 5.31
CA LYS C 6 44.45 -7.81 5.96
C LYS C 6 44.50 -8.92 4.91
N TYR C 7 43.37 -9.15 4.24
CA TYR C 7 43.35 -9.74 2.90
C TYR C 7 43.26 -8.56 1.92
N GLN C 8 43.20 -7.35 2.48
CA GLN C 8 43.22 -6.10 1.72
C GLN C 8 44.66 -5.74 1.40
N GLN C 9 45.52 -5.79 2.42
CA GLN C 9 46.94 -5.55 2.27
C GLN C 9 47.54 -6.37 1.12
N ILE C 10 47.25 -7.68 1.14
CA ILE C 10 47.78 -8.65 0.18
C ILE C 10 47.22 -8.46 -1.24
N ALA C 11 45.96 -8.03 -1.33
CA ALA C 11 45.38 -7.64 -2.63
C ALA C 11 46.19 -6.52 -3.30
N THR C 12 46.62 -5.53 -2.53
CA THR C 12 47.32 -4.38 -3.11
C THR C 12 48.73 -4.72 -3.58
N GLU C 13 49.37 -5.67 -2.90
CA GLU C 13 50.67 -6.16 -3.37
C GLU C 13 50.58 -7.21 -4.49
N ILE C 14 49.44 -7.89 -4.65
CA ILE C 14 49.18 -8.63 -5.91
C ILE C 14 49.12 -7.63 -7.07
N GLU C 15 48.37 -6.55 -6.87
CA GLU C 15 48.30 -5.46 -7.85
C GLU C 15 49.65 -4.78 -8.10
N THR C 16 50.43 -4.58 -7.03
CA THR C 16 51.86 -4.22 -7.15
C THR C 16 52.63 -5.21 -8.04
N TYR C 17 52.45 -6.51 -7.77
CA TYR C 17 53.09 -7.59 -8.52
C TYR C 17 52.82 -7.53 -10.03
N ILE C 18 51.52 -7.50 -10.39
CA ILE C 18 51.06 -7.32 -11.79
C ILE C 18 51.71 -6.07 -12.46
N GLU C 19 51.65 -4.93 -11.77
CA GLU C 19 52.39 -3.70 -12.09
C GLU C 19 53.89 -3.88 -12.28
N GLU C 20 54.58 -4.32 -11.22
CA GLU C 20 56.02 -4.58 -11.24
C GLU C 20 56.45 -5.48 -12.40
N HIS C 21 55.83 -6.65 -12.49
CA HIS C 21 56.15 -7.66 -13.51
C HIS C 21 55.55 -7.35 -14.86
N GLN C 22 55.05 -6.11 -14.97
CA GLN C 22 54.39 -5.58 -16.17
C GLN C 22 53.47 -6.58 -16.88
N LEU C 23 52.53 -7.13 -16.13
CA LEU C 23 51.60 -8.12 -16.72
C LEU C 23 50.37 -7.47 -17.34
N GLN C 24 49.80 -8.14 -18.34
CA GLN C 24 48.81 -7.56 -19.24
C GLN C 24 47.60 -8.46 -19.31
N GLN C 25 46.44 -7.89 -19.68
CA GLN C 25 45.25 -8.71 -19.78
C GLN C 25 45.56 -10.03 -20.52
N GLY C 26 45.20 -11.14 -19.86
CA GLY C 26 45.37 -12.48 -20.44
C GLY C 26 46.61 -13.22 -19.97
N ASP C 27 47.39 -12.58 -19.10
CA ASP C 27 48.63 -13.20 -18.55
C ASP C 27 48.35 -14.13 -17.38
N LYS C 28 48.97 -15.30 -17.42
CA LYS C 28 48.85 -16.24 -16.31
C LYS C 28 49.58 -15.72 -15.07
N LEU C 29 48.85 -15.59 -13.96
CA LEU C 29 49.47 -15.43 -12.65
C LEU C 29 50.16 -16.75 -12.27
N PRO C 30 51.28 -16.66 -11.53
CA PRO C 30 51.85 -17.88 -10.94
C PRO C 30 50.84 -18.70 -10.08
N VAL C 31 51.09 -20.00 -10.03
CA VAL C 31 50.39 -20.96 -9.16
C VAL C 31 50.09 -20.41 -7.76
N LEU C 32 49.03 -20.91 -7.15
CA LEU C 32 48.58 -20.45 -5.84
C LEU C 32 49.69 -20.53 -4.77
N GLU C 33 50.38 -21.67 -4.75
CA GLU C 33 51.42 -21.94 -3.77
C GLU C 33 52.65 -21.03 -3.95
N THR C 34 52.94 -20.64 -5.20
CA THR C 34 54.08 -19.75 -5.47
C THR C 34 53.83 -18.34 -4.93
N LEU C 35 52.57 -17.91 -5.00
CA LEU C 35 52.13 -16.60 -4.48
C LEU C 35 52.16 -16.59 -2.95
N MSE C 36 51.74 -17.70 -2.35
CA MSE C 36 51.75 -17.90 -0.90
C MSE C 36 53.14 -17.83 -0.29
O MSE C 36 53.32 -17.25 0.78
CB MSE C 36 51.13 -19.25 -0.56
CG MSE C 36 49.62 -19.30 -0.74
SE MSE C 36 48.93 -21.13 -0.52
CE MSE C 36 49.78 -21.58 1.20
N ALA C 37 54.11 -18.42 -0.96
CA ALA C 37 55.50 -18.41 -0.51
C ALA C 37 56.09 -17.00 -0.65
N GLN C 38 55.75 -16.31 -1.74
CA GLN C 38 56.25 -14.96 -2.03
C GLN C 38 55.71 -13.87 -1.10
N PHE C 39 54.41 -13.89 -0.80
CA PHE C 39 53.81 -12.86 0.07
C PHE C 39 53.69 -13.23 1.55
N GLU C 40 54.12 -14.44 1.91
CA GLU C 40 54.07 -14.97 3.29
C GLU C 40 52.64 -14.94 3.83
N VAL C 41 51.81 -15.85 3.34
CA VAL C 41 50.37 -15.81 3.62
C VAL C 41 49.73 -17.16 3.27
N SER C 42 48.49 -17.38 3.72
CA SER C 42 47.88 -18.70 3.63
C SER C 42 46.87 -18.90 2.49
N LYS C 43 46.60 -20.18 2.22
CA LYS C 43 45.60 -20.66 1.26
C LYS C 43 44.26 -19.93 1.37
N SER C 44 43.87 -19.62 2.61
CA SER C 44 42.63 -18.88 2.87
C SER C 44 42.79 -17.41 2.49
N THR C 45 43.83 -16.78 3.02
CA THR C 45 44.04 -15.34 2.90
C THR C 45 44.17 -14.85 1.44
N ILE C 46 44.85 -15.62 0.58
CA ILE C 46 44.99 -15.24 -0.83
C ILE C 46 43.73 -15.49 -1.67
N THR C 47 42.98 -16.56 -1.39
CA THR C 47 41.75 -16.85 -2.14
C THR C 47 40.72 -15.76 -1.90
N LYS C 48 40.54 -15.41 -0.62
CA LYS C 48 39.68 -14.30 -0.22
C LYS C 48 40.21 -12.98 -0.85
N SER C 49 41.54 -12.87 -0.91
CA SER C 49 42.23 -11.75 -1.55
C SER C 49 42.07 -11.79 -3.08
N LEU C 50 41.86 -12.99 -3.63
CA LEU C 50 41.68 -13.21 -5.06
C LEU C 50 40.27 -12.90 -5.56
N GLU C 51 39.26 -13.18 -4.73
CA GLU C 51 37.86 -12.86 -5.07
C GLU C 51 37.63 -11.34 -5.00
N LEU C 52 38.29 -10.69 -4.04
CA LEU C 52 38.35 -9.23 -3.93
C LEU C 52 38.79 -8.62 -5.26
N LEU C 53 39.79 -9.27 -5.87
CA LEU C 53 40.42 -8.79 -7.09
C LEU C 53 39.65 -9.12 -8.37
N GLU C 54 38.94 -10.25 -8.42
CA GLU C 54 38.13 -10.53 -9.60
C GLU C 54 36.91 -9.62 -9.63
N GLN C 55 36.30 -9.41 -8.46
CA GLN C 55 35.24 -8.42 -8.27
C GLN C 55 35.67 -7.00 -8.69
N LYS C 56 36.87 -6.57 -8.30
CA LYS C 56 37.44 -5.32 -8.77
C LYS C 56 37.64 -5.32 -10.30
N GLY C 57 37.62 -6.51 -10.92
CA GLY C 57 37.91 -6.67 -12.35
C GLY C 57 39.40 -6.69 -12.69
N ALA C 58 40.23 -6.90 -11.67
CA ALA C 58 41.69 -6.98 -11.84
C ALA C 58 42.21 -8.32 -12.38
N ILE C 59 41.47 -9.41 -12.13
CA ILE C 59 41.84 -10.76 -12.63
C ILE C 59 40.64 -11.48 -13.23
N PHE C 60 40.89 -12.34 -14.22
CA PHE C 60 39.89 -13.33 -14.65
C PHE C 60 40.46 -14.75 -14.48
N GLN C 61 39.70 -15.60 -13.81
CA GLN C 61 40.14 -16.98 -13.58
C GLN C 61 39.36 -17.92 -14.46
N VAL C 62 40.04 -18.98 -14.89
CA VAL C 62 39.44 -20.04 -15.72
C VAL C 62 39.59 -21.37 -14.99
N ARG C 63 38.52 -21.80 -14.36
CA ARG C 63 38.51 -23.03 -13.60
C ARG C 63 38.92 -24.22 -14.51
N GLY C 64 40.15 -24.69 -14.31
CA GLY C 64 40.80 -25.66 -15.20
C GLY C 64 42.17 -25.16 -15.67
N SER C 65 42.29 -23.85 -15.85
CA SER C 65 43.56 -23.22 -16.22
C SER C 65 44.28 -22.67 -14.98
N GLY C 66 43.71 -21.62 -14.38
CA GLY C 66 44.29 -20.93 -13.22
C GLY C 66 43.79 -19.49 -13.09
N ILE C 67 44.73 -18.55 -12.90
CA ILE C 67 44.40 -17.12 -12.74
C ILE C 67 45.20 -16.20 -13.68
N PHE C 68 44.46 -15.29 -14.33
CA PHE C 68 44.97 -14.43 -15.40
C PHE C 68 44.59 -13.01 -15.05
N VAL C 69 45.41 -12.06 -15.49
CA VAL C 69 45.17 -10.65 -15.18
C VAL C 69 44.12 -10.04 -16.16
N ARG C 70 43.22 -9.23 -15.64
CA ARG C 70 42.33 -8.45 -16.50
C ARG C 70 42.61 -6.98 -16.28
N LYS C 71 42.66 -6.24 -17.38
CA LYS C 71 42.66 -4.78 -17.29
C LYS C 71 41.79 -4.24 -18.40
N HIS C 72 40.55 -3.89 -18.06
CA HIS C 72 39.79 -3.08 -19.00
C HIS C 72 40.65 -1.86 -19.18
N LYS C 73 40.69 -1.34 -20.40
CA LYS C 73 41.42 -0.10 -20.63
C LYS C 73 40.37 1.03 -20.69
N ARG C 74 40.80 2.21 -21.13
CA ARG C 74 40.06 3.46 -20.97
C ARG C 74 40.14 3.92 -19.51
N LYS C 75 40.23 5.22 -19.34
CA LYS C 75 40.38 5.88 -18.07
C LYS C 75 39.16 6.80 -17.96
N GLY C 76 38.84 7.18 -16.72
CA GLY C 76 37.86 8.26 -16.44
C GLY C 76 36.41 7.88 -16.45
N TYR C 77 36.14 6.59 -16.50
CA TYR C 77 34.78 6.05 -16.39
C TYR C 77 34.45 5.65 -14.94
N ILE C 78 33.20 5.87 -14.54
CA ILE C 78 32.74 5.60 -13.20
C ILE C 78 32.27 4.16 -13.20
N SER C 79 32.64 3.43 -12.16
CA SER C 79 32.12 2.08 -11.98
C SER C 79 30.63 2.15 -11.59
N LEU C 80 29.77 1.76 -12.52
CA LEU C 80 28.32 1.64 -12.32
C LEU C 80 27.95 0.77 -11.09
N LEU C 81 28.66 -0.34 -10.91
CA LEU C 81 28.33 -1.32 -9.85
C LEU C 81 28.93 -1.03 -8.45
N SER C 82 29.79 -0.03 -8.35
CA SER C 82 30.15 0.67 -7.09
C SER C 82 31.64 1.09 -7.09
N LEU C 90 35.17 7.63 -6.40
CA LEU C 90 36.34 6.85 -5.98
C LEU C 90 37.65 7.65 -5.95
N GLU C 91 38.40 7.68 -7.07
CA GLU C 91 39.79 8.18 -7.04
C GLU C 91 40.01 9.59 -7.63
N ASP C 92 40.03 9.71 -8.97
CA ASP C 92 40.11 11.01 -9.66
C ASP C 92 38.70 11.61 -9.71
N PHE C 93 37.77 10.87 -9.13
CA PHE C 93 36.44 11.39 -8.88
C PHE C 93 36.47 12.16 -7.55
N ASN C 94 36.66 13.47 -7.72
CA ASN C 94 36.69 14.47 -6.68
C ASN C 94 35.24 14.74 -6.23
N VAL C 95 34.63 13.77 -5.53
CA VAL C 95 33.18 13.78 -5.25
C VAL C 95 32.83 14.40 -3.90
N THR C 96 31.98 15.42 -3.93
CA THR C 96 31.43 16.08 -2.74
C THR C 96 29.90 16.28 -2.93
N SER C 97 29.21 16.75 -1.89
CA SER C 97 27.73 16.75 -1.85
C SER C 97 27.13 17.92 -1.12
N LYS C 98 26.07 18.45 -1.69
CA LYS C 98 25.22 19.44 -1.06
C LYS C 98 23.92 18.75 -0.66
N VAL C 99 23.66 18.69 0.65
CA VAL C 99 22.48 18.04 1.20
C VAL C 99 21.31 19.01 1.14
N ILE C 100 20.25 18.60 0.50
CA ILE C 100 19.09 19.47 0.35
C ILE C 100 18.11 19.20 1.45
N GLU C 101 17.85 17.93 1.70
CA GLU C 101 16.99 17.54 2.84
C GLU C 101 17.58 16.29 3.46
N LEU C 102 17.43 16.17 4.78
CA LEU C 102 17.59 14.91 5.50
C LEU C 102 16.61 14.88 6.66
N ASP C 103 15.74 13.87 6.70
CA ASP C 103 14.89 13.75 7.85
C ASP C 103 14.46 12.32 8.09
N VAL C 104 13.68 12.14 9.16
CA VAL C 104 13.01 10.88 9.46
C VAL C 104 11.58 11.06 9.00
N ARG C 105 11.11 10.15 8.17
CA ARG C 105 9.70 10.21 7.75
C ARG C 105 9.21 8.81 7.48
N LYS C 106 7.91 8.68 7.32
CA LYS C 106 7.29 7.45 6.81
C LYS C 106 7.53 7.32 5.29
N PRO C 107 7.57 6.08 4.76
CA PRO C 107 7.83 6.00 3.32
C PRO C 107 6.61 6.30 2.46
N THR C 108 6.85 6.72 1.21
CA THR C 108 5.82 6.77 0.19
C THR C 108 5.54 5.32 -0.17
N PRO C 109 4.38 5.02 -0.77
CA PRO C 109 4.18 3.62 -1.17
C PRO C 109 5.31 3.09 -2.07
N GLU C 110 5.84 3.92 -2.95
CA GLU C 110 6.99 3.53 -3.77
C GLU C 110 8.25 3.09 -2.96
N ALA C 111 8.66 3.89 -1.99
CA ALA C 111 9.80 3.54 -1.15
C ALA C 111 9.49 2.29 -0.32
N ALA C 112 8.25 2.17 0.15
CA ALA C 112 7.83 1.05 1.00
C ALA C 112 7.93 -0.27 0.22
N GLU C 113 7.49 -0.22 -1.03
CA GLU C 113 7.48 -1.34 -1.91
C GLU C 113 8.92 -1.77 -2.22
N ASN C 114 9.77 -0.82 -2.58
CA ASN C 114 11.16 -1.13 -2.90
C ASN C 114 12.00 -1.53 -1.71
N LEU C 115 11.64 -1.08 -0.52
CA LEU C 115 12.37 -1.46 0.65
C LEU C 115 11.76 -2.65 1.33
N ASN C 116 10.61 -3.11 0.84
CA ASN C 116 9.86 -4.22 1.46
C ASN C 116 9.50 -3.95 2.90
N ILE C 117 9.03 -2.74 3.18
CA ILE C 117 8.52 -2.39 4.50
C ILE C 117 7.07 -1.89 4.46
N GLY C 118 6.46 -1.76 5.63
CA GLY C 118 5.12 -1.19 5.63
C GLY C 118 5.18 0.31 5.86
N MSE C 119 4.02 0.95 5.70
CA MSE C 119 3.85 2.37 5.68
C MSE C 119 4.04 2.96 7.05
O MSE C 119 4.26 4.15 7.18
CB MSE C 119 2.46 2.69 5.14
CG MSE C 119 2.26 2.30 3.69
SE MSE C 119 3.37 3.38 2.52
CE MSE C 119 2.27 5.03 2.52
N ASP C 120 3.97 2.10 8.05
CA ASP C 120 4.15 2.51 9.43
C ASP C 120 5.62 2.57 9.86
N GLU C 121 6.57 2.07 9.04
CA GLU C 121 7.99 1.96 9.45
C GLU C 121 8.81 3.19 9.02
N ASP C 122 9.48 3.85 9.97
CA ASP C 122 10.30 5.03 9.65
C ASP C 122 11.43 4.76 8.67
N ILE C 123 11.69 5.76 7.83
CA ILE C 123 12.87 5.78 6.98
C ILE C 123 13.65 7.08 7.22
N TYR C 124 14.94 7.03 6.92
CA TYR C 124 15.71 8.24 6.61
C TYR C 124 15.52 8.63 5.15
N TYR C 125 15.18 9.88 4.94
CA TYR C 125 15.00 10.37 3.60
C TYR C 125 16.12 11.36 3.34
N VAL C 126 16.84 11.16 2.24
CA VAL C 126 17.86 12.10 1.81
C VAL C 126 17.70 12.64 0.39
N LYS C 127 17.90 13.94 0.27
CA LYS C 127 17.93 14.55 -1.02
C LYS C 127 19.21 15.33 -1.07
N ARG C 128 20.03 15.05 -2.08
CA ARG C 128 21.28 15.75 -2.23
C ARG C 128 21.75 15.88 -3.67
N VAL C 129 22.59 16.86 -3.90
CA VAL C 129 23.24 17.03 -5.19
C VAL C 129 24.69 16.68 -4.97
N ARG C 130 25.18 15.75 -5.77
CA ARG C 130 26.59 15.43 -5.76
C ARG C 130 27.36 16.07 -6.91
N TYR C 131 28.66 16.26 -6.69
CA TYR C 131 29.57 17.02 -7.57
C TYR C 131 30.86 16.23 -7.78
N ILE C 132 31.41 16.28 -9.00
CA ILE C 132 32.77 15.82 -9.28
C ILE C 132 33.52 16.99 -9.85
N ASN C 133 34.66 17.30 -9.24
CA ASN C 133 35.52 18.36 -9.69
C ASN C 133 34.76 19.66 -9.88
N GLY C 134 33.90 19.99 -8.91
CA GLY C 134 33.16 21.25 -8.89
C GLY C 134 32.22 21.44 -10.08
N GLN C 135 31.71 20.31 -10.61
CA GLN C 135 30.59 20.32 -11.54
C GLN C 135 29.63 19.34 -10.95
N THR C 136 28.34 19.46 -11.27
CA THR C 136 27.34 18.53 -10.79
C THR C 136 27.56 17.11 -11.36
N LEU C 137 27.49 16.11 -10.48
CA LEU C 137 27.56 14.73 -10.93
C LEU C 137 26.13 14.14 -11.08
N CYS C 138 25.26 14.45 -10.13
CA CYS C 138 23.95 13.81 -10.04
C CYS C 138 23.07 14.47 -9.01
N TYR C 139 21.79 14.20 -9.18
CA TYR C 139 20.74 14.64 -8.30
C TYR C 139 20.11 13.37 -7.75
N GLU C 140 20.15 13.24 -6.43
CA GLU C 140 19.70 12.00 -5.76
C GLU C 140 18.63 12.16 -4.68
N GLU C 141 17.67 11.23 -4.66
CA GLU C 141 16.81 10.96 -3.52
C GLU C 141 17.03 9.52 -3.08
N SER C 142 17.25 9.31 -1.79
CA SER C 142 17.35 7.97 -1.30
C SER C 142 16.59 7.77 0.02
N TYR C 143 16.22 6.52 0.25
CA TYR C 143 15.36 6.13 1.36
C TYR C 143 16.01 4.97 2.10
N TYR C 144 16.23 5.11 3.39
CA TYR C 144 16.91 4.06 4.15
C TYR C 144 16.00 3.57 5.25
N THR C 145 15.86 2.25 5.40
CA THR C 145 15.08 1.66 6.51
C THR C 145 15.79 1.95 7.84
N LYS C 146 15.10 2.62 8.73
CA LYS C 146 15.75 3.19 9.88
C LYS C 146 16.02 2.11 10.94
N SER C 147 15.22 1.04 10.97
CA SER C 147 15.57 -0.10 11.84
C SER C 147 16.87 -0.84 11.41
N ILE C 148 17.35 -0.56 10.19
CA ILE C 148 18.63 -1.12 9.73
C ILE C 148 19.70 -0.05 9.76
N VAL C 149 19.45 1.02 9.01
CA VAL C 149 20.37 2.17 9.03
C VAL C 149 19.98 3.07 10.22
N THR C 150 20.53 2.77 11.39
CA THR C 150 19.97 3.25 12.66
C THR C 150 20.24 4.74 13.01
N TYR C 151 21.32 5.31 12.48
CA TYR C 151 21.54 6.76 12.60
C TYR C 151 22.06 7.31 11.30
N LEU C 152 21.71 8.56 10.98
CA LEU C 152 22.35 9.37 9.95
C LEU C 152 22.23 10.78 10.44
N ASN C 153 23.12 11.64 9.94
CA ASN C 153 22.96 13.05 10.09
C ASN C 153 23.54 13.81 8.88
N ASN C 154 23.43 15.13 8.95
CA ASN C 154 23.79 15.99 7.85
C ASN C 154 25.21 15.79 7.33
N GLU C 155 26.18 15.79 8.24
CA GLU C 155 27.60 15.65 7.91
C GLU C 155 27.93 14.28 7.29
N ILE C 156 27.31 13.22 7.80
CA ILE C 156 27.51 11.88 7.27
C ILE C 156 27.00 11.79 5.84
N VAL C 157 25.81 12.34 5.64
CA VAL C 157 25.14 12.35 4.34
C VAL C 157 25.85 13.25 3.30
N SER C 158 26.77 14.10 3.74
CA SER C 158 27.43 15.00 2.81
C SER C 158 28.69 14.30 2.28
N HIS C 159 28.95 13.08 2.78
CA HIS C 159 30.08 12.26 2.36
C HIS C 159 29.59 10.92 1.87
N SER C 160 30.40 9.89 1.96
CA SER C 160 29.96 8.58 1.50
C SER C 160 29.09 7.94 2.58
N ILE C 161 27.82 7.72 2.26
CA ILE C 161 26.92 7.06 3.17
C ILE C 161 27.26 5.55 3.27
N PHE C 162 27.69 4.94 2.17
CA PHE C 162 28.05 3.51 2.15
C PHE C 162 29.23 3.27 3.06
N HIS C 163 30.18 4.21 3.06
CA HIS C 163 31.33 4.09 3.91
C HIS C 163 30.95 4.14 5.39
N TYR C 164 30.11 5.11 5.76
CA TYR C 164 29.55 5.14 7.12
C TYR C 164 28.77 3.86 7.52
N ILE C 165 28.00 3.30 6.59
CA ILE C 165 27.20 2.10 6.81
C ILE C 165 28.06 0.85 7.08
N ARG C 166 29.13 0.66 6.29
CA ARG C 166 30.04 -0.46 6.45
C ARG C 166 31.00 -0.21 7.64
N GLU C 167 31.69 0.92 7.64
CA GLU C 167 32.70 1.17 8.67
C GLU C 167 32.12 1.67 9.99
N GLY C 168 31.19 2.63 9.91
CA GLY C 168 30.53 3.19 11.06
C GLY C 168 29.61 2.17 11.70
N LEU C 169 28.57 1.76 10.97
CA LEU C 169 27.56 0.86 11.49
C LEU C 169 27.95 -0.63 11.49
N GLY C 170 29.01 -1.00 10.74
CA GLY C 170 29.48 -2.40 10.68
C GLY C 170 28.52 -3.34 9.92
N LEU C 171 27.67 -2.76 9.06
CA LEU C 171 26.66 -3.48 8.23
C LEU C 171 27.30 -4.19 7.02
N LYS C 172 26.76 -5.35 6.66
CA LYS C 172 27.38 -6.16 5.64
C LYS C 172 26.57 -6.02 4.38
N ILE C 173 27.16 -5.34 3.39
CA ILE C 173 26.42 -4.98 2.20
C ILE C 173 26.54 -6.05 1.14
N GLY C 174 25.39 -6.53 0.70
CA GLY C 174 25.32 -7.59 -0.27
C GLY C 174 24.98 -7.05 -1.65
N PHE C 175 24.08 -7.74 -2.29
CA PHE C 175 23.83 -7.56 -3.70
C PHE C 175 22.89 -6.36 -3.91
N SER C 176 22.96 -5.80 -5.11
CA SER C 176 22.10 -4.70 -5.44
C SER C 176 21.45 -4.93 -6.79
N ASP C 177 20.30 -4.33 -6.98
CA ASP C 177 19.67 -4.37 -8.30
C ASP C 177 19.55 -2.94 -8.81
N LEU C 178 19.94 -2.69 -10.07
CA LEU C 178 19.83 -1.35 -10.69
C LEU C 178 18.96 -1.37 -11.92
N PHE C 179 18.07 -0.39 -12.03
CA PHE C 179 17.16 -0.24 -13.13
C PHE C 179 17.46 1.07 -13.82
N LEU C 180 17.88 0.97 -15.09
CA LEU C 180 18.41 2.11 -15.83
C LEU C 180 17.43 2.45 -16.90
N HIS C 181 17.13 3.75 -17.02
CA HIS C 181 16.17 4.37 -17.93
C HIS C 181 16.90 5.61 -18.48
N VAL C 182 16.66 5.92 -19.74
CA VAL C 182 17.15 7.16 -20.32
C VAL C 182 15.96 8.06 -20.65
N GLY C 183 16.02 9.32 -20.24
CA GLY C 183 14.95 10.28 -20.56
C GLY C 183 15.48 11.70 -20.67
N GLN C 184 14.54 12.65 -20.60
CA GLN C 184 14.81 14.09 -20.70
C GLN C 184 14.68 14.72 -19.33
N LEU C 185 15.56 15.67 -19.04
CA LEU C 185 15.51 16.36 -17.75
C LEU C 185 14.22 17.17 -17.62
N ASN C 186 13.60 17.08 -16.46
CA ASN C 186 12.50 17.94 -16.14
C ASN C 186 13.09 19.18 -15.48
N GLU C 187 12.24 20.16 -15.14
CA GLU C 187 12.73 21.46 -14.69
C GLU C 187 13.44 21.41 -13.35
N GLU C 188 12.87 20.66 -12.40
CA GLU C 188 13.48 20.48 -11.09
C GLU C 188 14.88 19.83 -11.17
N GLU C 189 14.98 18.76 -11.98
CA GLU C 189 16.24 18.05 -12.18
C GLU C 189 17.26 18.91 -12.87
N ALA C 190 16.82 19.57 -13.93
CA ALA C 190 17.65 20.47 -14.70
C ALA C 190 18.16 21.62 -13.85
N GLU C 191 17.38 22.02 -12.85
CA GLU C 191 17.76 23.13 -11.98
C GLU C 191 18.83 22.70 -10.99
N TYR C 192 18.59 21.61 -10.26
CA TYR C 192 19.63 21.03 -9.40
C TYR C 192 20.95 20.79 -10.13
N LEU C 193 20.87 20.32 -11.39
CA LEU C 193 22.07 19.94 -12.16
C LEU C 193 22.75 21.10 -12.87
N GLY C 194 22.06 22.23 -12.99
CA GLY C 194 22.62 23.40 -13.72
C GLY C 194 22.61 23.18 -15.22
N LEU C 195 21.63 22.41 -15.70
CA LEU C 195 21.47 22.10 -17.10
C LEU C 195 20.09 22.60 -17.62
N GLU C 196 19.90 22.56 -18.94
CA GLU C 196 18.63 22.89 -19.58
C GLU C 196 17.61 21.75 -19.52
N ALA C 197 16.37 22.09 -19.21
CA ALA C 197 15.29 21.10 -19.22
C ALA C 197 15.07 20.54 -20.65
N GLY C 198 14.93 19.22 -20.72
CA GLY C 198 14.74 18.51 -21.99
C GLY C 198 16.00 17.83 -22.49
N LEU C 199 17.15 18.17 -21.91
CA LEU C 199 18.40 17.52 -22.25
C LEU C 199 18.41 16.09 -21.68
N PRO C 200 19.31 15.21 -22.17
CA PRO C 200 19.30 13.77 -21.76
C PRO C 200 19.75 13.56 -20.33
N LYS C 201 19.22 12.52 -19.68
CA LYS C 201 19.78 11.98 -18.40
C LYS C 201 19.66 10.48 -18.37
N LEU C 202 20.68 9.86 -17.78
CA LEU C 202 20.57 8.51 -17.24
C LEU C 202 19.86 8.59 -15.90
N TYR C 203 18.78 7.82 -15.78
CA TYR C 203 18.04 7.77 -14.55
C TYR C 203 17.99 6.37 -13.95
N ILE C 204 18.55 6.23 -12.76
CA ILE C 204 18.74 4.92 -12.18
C ILE C 204 18.01 4.77 -10.86
N GLU C 205 17.22 3.71 -10.76
CA GLU C 205 16.67 3.31 -9.48
C GLU C 205 17.42 2.07 -8.97
N SER C 206 17.96 2.17 -7.75
CA SER C 206 18.78 1.11 -7.18
C SER C 206 18.19 0.60 -5.91
N ILE C 207 18.27 -0.72 -5.70
CA ILE C 207 17.91 -1.33 -4.40
C ILE C 207 19.15 -2.05 -3.93
N PHE C 208 19.59 -1.68 -2.75
CA PHE C 208 20.78 -2.27 -2.13
C PHE C 208 20.32 -3.14 -0.99
N HIS C 209 20.90 -4.33 -0.87
CA HIS C 209 20.44 -5.35 0.07
C HIS C 209 21.60 -5.71 1.01
N LEU C 210 21.28 -6.05 2.25
CA LEU C 210 22.22 -6.71 3.13
C LEU C 210 22.55 -8.12 2.60
N THR C 211 23.55 -8.75 3.20
CA THR C 211 23.90 -10.12 2.84
C THR C 211 22.76 -11.12 3.11
N ASN C 212 21.88 -10.86 4.08
CA ASN C 212 20.65 -11.67 4.20
C ASN C 212 19.62 -11.38 3.11
N GLY C 213 19.87 -10.40 2.26
CA GLY C 213 18.90 -10.08 1.21
C GLY C 213 17.79 -9.14 1.64
N GLN C 214 17.88 -8.61 2.85
CA GLN C 214 16.95 -7.59 3.31
C GLN C 214 17.32 -6.24 2.62
N PRO C 215 16.37 -5.60 1.92
CA PRO C 215 16.67 -4.28 1.39
C PRO C 215 16.97 -3.32 2.52
N PHE C 216 17.89 -2.37 2.29
CA PHE C 216 18.16 -1.31 3.27
C PHE C 216 18.22 0.05 2.65
N ASP C 217 18.39 0.11 1.34
CA ASP C 217 18.56 1.40 0.66
C ASP C 217 17.83 1.34 -0.68
N TYR C 218 16.97 2.33 -0.91
CA TYR C 218 16.38 2.56 -2.22
C TYR C 218 16.72 3.97 -2.68
N SER C 219 17.35 4.10 -3.85
CA SER C 219 17.77 5.42 -4.36
C SER C 219 17.30 5.67 -5.77
N LYS C 220 16.99 6.95 -6.05
CA LYS C 220 16.52 7.39 -7.36
C LYS C 220 17.48 8.44 -7.81
N ILE C 221 18.13 8.25 -8.94
CA ILE C 221 19.28 9.10 -9.29
C ILE C 221 19.27 9.53 -10.75
N SER C 222 19.46 10.85 -10.97
CA SER C 222 19.53 11.49 -12.30
C SER C 222 20.91 12.04 -12.45
N TYR C 223 21.66 11.52 -13.41
CA TYR C 223 23.03 11.93 -13.65
C TYR C 223 23.10 13.11 -14.61
N ASN C 224 24.17 13.90 -14.49
CA ASN C 224 24.54 14.93 -15.45
C ASN C 224 25.27 14.21 -16.58
N TYR C 225 24.64 14.22 -17.76
CA TYR C 225 25.13 13.50 -18.94
C TYR C 225 26.47 14.02 -19.47
N GLU C 226 26.90 15.20 -19.03
CA GLU C 226 28.10 15.84 -19.58
C GLU C 226 29.25 15.49 -18.69
N GLN C 227 28.96 15.07 -17.45
CA GLN C 227 30.02 14.88 -16.48
C GLN C 227 30.19 13.42 -16.08
N SER C 228 29.42 12.53 -16.68
CA SER C 228 29.46 11.15 -16.25
C SER C 228 29.44 10.21 -17.44
N GLN C 229 30.06 9.05 -17.22
CA GLN C 229 30.12 7.93 -18.16
C GLN C 229 30.61 6.76 -17.32
N PHE C 230 30.21 5.57 -17.70
CA PHE C 230 30.19 4.39 -16.81
C PHE C 230 30.78 3.16 -17.44
N VAL C 231 31.56 2.40 -16.66
CA VAL C 231 32.09 1.11 -17.06
C VAL C 231 31.39 0.03 -16.24
N VAL C 232 31.03 -1.08 -16.89
CA VAL C 232 30.47 -2.23 -16.21
C VAL C 232 31.09 -3.46 -16.86
N GLN C 233 31.46 -4.45 -16.08
CA GLN C 233 32.07 -5.65 -16.64
C GLN C 233 31.28 -6.92 -16.38
N ALA C 234 31.19 -7.78 -17.38
CA ALA C 234 30.58 -9.11 -17.24
C ALA C 234 31.69 -10.16 -17.26
N ASN C 235 31.53 -11.22 -16.48
CA ASN C 235 32.49 -12.34 -16.52
C ASN C 235 32.12 -13.51 -17.45
N SER C 236 30.83 -13.74 -17.71
CA SER C 236 30.44 -14.71 -18.78
C SER C 236 29.42 -14.19 -19.82
C1 EDO D . -17.51 20.89 -15.59
O1 EDO D . -17.04 20.13 -16.73
C2 EDO D . -17.70 22.39 -15.87
O2 EDO D . -16.45 23.09 -15.99
C1 EDO E . -12.23 14.66 1.53
O1 EDO E . -13.35 14.22 0.84
C2 EDO E . -11.18 14.71 0.44
O2 EDO E . -10.31 15.81 0.65
C1 EDO F . -33.45 4.52 8.33
O1 EDO F . -33.60 4.23 6.93
C2 EDO F . -34.43 5.59 8.80
O2 EDO F . -33.84 6.38 9.84
C1 EDO G . -3.36 12.39 -8.72
O1 EDO G . -1.95 12.18 -8.59
C2 EDO G . -4.05 12.58 -7.38
O2 EDO G . -3.56 13.73 -6.66
C1 EDO H . -13.39 12.87 17.53
O1 EDO H . -12.77 14.03 16.98
C2 EDO H . -13.90 13.23 18.89
O2 EDO H . -15.05 14.06 18.71
C1 EDO I . -5.15 10.33 8.49
O1 EDO I . -5.21 8.93 8.51
C2 EDO I . -5.96 10.76 9.68
O2 EDO I . -5.95 12.16 9.60
C1 EDO J . 5.83 -3.40 1.22
O1 EDO J . 6.05 -4.47 0.28
C2 EDO J . 4.60 -2.57 0.88
O2 EDO J . 4.16 -1.87 2.05
C1 EDO K . 16.36 12.10 -9.06
O1 EDO K . 15.71 12.35 -10.31
C2 EDO K . 15.48 11.20 -8.24
O2 EDO K . 14.33 11.90 -7.82
C1 EDO L . 12.29 -6.85 5.06
O1 EDO L . 13.22 -7.35 4.09
C2 EDO L . 12.32 -5.31 5.13
O2 EDO L . 12.99 -4.81 6.31
C1 EDO M . 24.92 9.89 -17.32
O1 EDO M . 25.90 9.91 -18.34
C2 EDO M . 24.23 11.19 -17.69
O2 EDO M . 22.83 11.28 -17.64
#